data_5BP7
#
_entry.id   5BP7
#
_cell.length_a   89.346
_cell.length_b   110.189
_cell.length_c   76.681
_cell.angle_alpha   90.000
_cell.angle_beta   90.000
_cell.angle_gamma   90.000
#
_symmetry.space_group_name_H-M   'P 21 21 2'
#
loop_
_entity.id
_entity.type
_entity.pdbx_description
1 polymer 'SAM-dependent methyltransferase'
2 non-polymer S-ADENOSYL-L-HOMOCYSTEINE
3 non-polymer 'CHLORIDE ION'
4 water water
#
_entity_poly.entity_id   1
_entity_poly.type   'polypeptide(L)'
_entity_poly.pdbx_seq_one_letter_code
;(MSE)HHHHHHSSGVDLGTENLYFQS(MSE)LDIPRIFTITESAHRIHNPITPEKLTTLGAALRLEPGTRVLDLGSGSGE
(MSE)LCTWARDHGIIGTGID(MSE)SQLFTAQAKLRAEELGVADRVTFIHGDASGYVSDDKAGVAACVGATWIGGGVAG
TIELLARSLRPGGIILIGEPYWRQVPPTEDVARGCLANSTSDFL(MSE)LPELLASFGRLGYDVVE(MSE)VLADQDGWD
RYEAAKWLT(MSE)RRWLEANPDDELAKEVRAQLTSEPGRYASYTREYLGWGVFAL(MSE)PR
;
_entity_poly.pdbx_strand_id   A,B,C
#
# COMPACT_ATOMS: atom_id res chain seq x y z
N LEU A 24 5.52 -8.10 -4.68
CA LEU A 24 6.23 -7.92 -3.43
C LEU A 24 7.68 -7.46 -3.62
N ASP A 25 7.96 -6.28 -3.10
CA ASP A 25 9.27 -5.69 -3.23
C ASP A 25 9.39 -4.48 -2.31
N ILE A 26 10.62 -4.16 -1.97
CA ILE A 26 10.91 -2.95 -1.21
C ILE A 26 10.82 -1.70 -2.13
N PRO A 27 10.70 -0.49 -1.53
CA PRO A 27 10.71 0.73 -2.36
C PRO A 27 12.00 0.89 -3.17
N ARG A 28 11.86 1.41 -4.38
CA ARG A 28 12.99 1.48 -5.34
C ARG A 28 14.21 2.22 -4.84
N ILE A 29 14.00 3.26 -4.05
CA ILE A 29 15.11 4.03 -3.48
C ILE A 29 16.11 3.13 -2.71
N PHE A 30 15.60 2.18 -1.92
CA PHE A 30 16.45 1.25 -1.16
C PHE A 30 17.27 0.38 -2.11
N THR A 31 16.59 -0.14 -3.12
CA THR A 31 17.21 -0.95 -4.17
C THR A 31 18.35 -0.18 -4.87
N ILE A 32 18.05 1.06 -5.24
CA ILE A 32 19.00 1.92 -5.95
C ILE A 32 20.24 2.23 -5.10
N THR A 33 20.03 2.63 -3.84
CA THR A 33 21.13 3.04 -2.99
C THR A 33 21.96 1.88 -2.44
N GLU A 34 21.34 0.71 -2.25
CA GLU A 34 22.02 -0.43 -1.63
C GLU A 34 22.30 -1.63 -2.54
N SER A 35 22.21 -1.44 -3.87
CA SER A 35 22.49 -2.53 -4.82
C SER A 35 23.90 -3.09 -4.78
N ALA A 36 24.87 -2.30 -4.34
CA ALA A 36 26.25 -2.77 -4.21
C ALA A 36 26.64 -3.19 -2.76
N HIS A 37 25.68 -3.26 -1.84
CA HIS A 37 25.95 -3.68 -0.44
C HIS A 37 25.84 -5.19 -0.25
N ARG A 38 26.89 -5.82 0.24
CA ARG A 38 26.78 -7.17 0.75
C ARG A 38 26.03 -7.20 2.09
N ILE A 39 26.32 -6.20 2.93
CA ILE A 39 25.77 -6.12 4.28
C ILE A 39 24.95 -4.84 4.31
N HIS A 40 23.67 -4.98 4.63
CA HIS A 40 22.74 -3.84 4.67
C HIS A 40 22.54 -3.32 6.10
N ASN A 41 23.66 -3.06 6.76
CA ASN A 41 23.69 -2.67 8.15
C ASN A 41 25.03 -2.04 8.45
N PRO A 42 25.12 -1.31 9.57
CA PRO A 42 26.37 -0.64 9.90
C PRO A 42 27.39 -1.53 10.62
N ILE A 43 27.55 -2.76 10.20
CA ILE A 43 28.69 -3.55 10.67
C ILE A 43 29.55 -4.00 9.53
N THR A 44 30.85 -4.05 9.82
CA THR A 44 31.86 -4.43 8.83
C THR A 44 31.84 -5.93 8.60
N PRO A 45 32.45 -6.38 7.48
CA PRO A 45 32.66 -7.81 7.26
C PRO A 45 33.47 -8.45 8.38
N GLU A 46 34.48 -7.76 8.89
CA GLU A 46 35.29 -8.29 10.00
C GLU A 46 34.41 -8.51 11.24
N LYS A 47 33.50 -7.57 11.50
CA LYS A 47 32.54 -7.71 12.62
C LYS A 47 31.56 -8.85 12.42
N LEU A 48 31.10 -9.04 11.20
CA LEU A 48 30.20 -10.15 10.90
C LEU A 48 30.87 -11.52 11.14
N THR A 49 32.14 -11.63 10.74
CA THR A 49 32.98 -12.77 11.05
C THR A 49 33.18 -12.98 12.55
N THR A 50 33.49 -11.92 13.25
CA THR A 50 33.62 -11.96 14.71
C THR A 50 32.34 -12.52 15.35
N LEU A 51 31.19 -12.03 14.89
CA LEU A 51 29.91 -12.47 15.41
C LEU A 51 29.72 -13.97 15.23
N GLY A 52 29.99 -14.45 14.02
CA GLY A 52 29.89 -15.88 13.72
C GLY A 52 30.73 -16.73 14.63
N ALA A 53 31.98 -16.33 14.83
CA ALA A 53 32.88 -17.05 15.76
C ALA A 53 32.39 -16.99 17.22
N ALA A 54 31.86 -15.84 17.62
CA ALA A 54 31.41 -15.63 19.00
C ALA A 54 30.24 -16.52 19.40
N LEU A 55 29.44 -16.89 18.41
CA LEU A 55 28.30 -17.78 18.62
C LEU A 55 28.67 -19.28 18.75
N ARG A 56 29.92 -19.65 18.45
CA ARG A 56 30.43 -21.01 18.74
C ARG A 56 29.53 -22.07 18.15
N LEU A 57 29.29 -21.86 16.88
CA LEU A 57 28.36 -22.66 16.14
C LEU A 57 28.97 -23.96 15.60
N GLU A 58 28.33 -25.07 15.95
CA GLU A 58 28.77 -26.37 15.47
C GLU A 58 28.31 -26.58 14.02
N PRO A 59 29.06 -27.38 13.23
CA PRO A 59 28.61 -27.68 11.88
C PRO A 59 27.22 -28.33 11.86
N GLY A 60 26.42 -27.93 10.89
CA GLY A 60 25.08 -28.44 10.75
C GLY A 60 24.03 -27.69 11.57
N THR A 61 24.42 -26.70 12.36
CA THR A 61 23.46 -25.88 13.13
C THR A 61 22.59 -25.18 12.10
N ARG A 62 21.28 -25.15 12.34
CA ARG A 62 20.35 -24.50 11.44
C ARG A 62 20.17 -23.03 11.86
N VAL A 63 20.30 -22.14 10.89
CA VAL A 63 20.08 -20.71 11.11
C VAL A 63 18.89 -20.21 10.27
N LEU A 64 17.87 -19.63 10.94
CA LEU A 64 16.79 -18.94 10.27
C LEU A 64 17.07 -17.45 10.36
N ASP A 65 17.01 -16.77 9.23
CA ASP A 65 17.30 -15.34 9.16
C ASP A 65 16.13 -14.61 8.49
N LEU A 66 15.39 -13.81 9.28
CA LEU A 66 14.29 -13.02 8.76
C LEU A 66 14.76 -11.62 8.38
N GLY A 67 14.49 -11.25 7.14
CA GLY A 67 15.04 -10.02 6.56
C GLY A 67 16.52 -10.21 6.29
N SER A 68 16.83 -11.23 5.51
CA SER A 68 18.21 -11.72 5.32
C SER A 68 19.07 -10.91 4.33
N GLY A 69 18.47 -9.92 3.67
CA GLY A 69 19.23 -8.99 2.82
C GLY A 69 19.78 -9.67 1.60
N SER A 70 21.07 -9.46 1.34
CA SER A 70 21.79 -10.12 0.27
C SER A 70 22.50 -11.38 0.77
N GLY A 71 22.04 -11.92 1.90
CA GLY A 71 22.45 -13.24 2.38
C GLY A 71 23.85 -13.37 2.95
N GLU A 72 24.54 -12.26 3.19
CA GLU A 72 25.98 -12.34 3.56
C GLU A 72 26.24 -13.14 4.84
N LEU A 74 24.35 -15.58 6.26
CA LEU A 74 24.14 -17.02 6.03
C LEU A 74 25.25 -17.62 5.17
N CYS A 75 25.61 -16.92 4.09
CA CYS A 75 26.59 -17.46 3.16
C CYS A 75 27.96 -17.59 3.80
N THR A 76 28.44 -16.51 4.42
CA THR A 76 29.78 -16.53 5.00
C THR A 76 29.89 -17.52 6.20
N TRP A 77 28.82 -17.62 6.99
CA TRP A 77 28.81 -18.57 8.10
C TRP A 77 28.65 -20.04 7.62
N ALA A 78 27.93 -20.25 6.52
CA ALA A 78 27.91 -21.58 5.88
C ALA A 78 29.31 -21.99 5.44
N ARG A 79 30.02 -21.05 4.82
CA ARG A 79 31.42 -21.28 4.42
C ARG A 79 32.32 -21.54 5.64
N ASP A 80 32.26 -20.69 6.66
CA ASP A 80 33.24 -20.72 7.73
C ASP A 80 32.89 -21.65 8.88
N HIS A 81 31.62 -21.91 9.09
CA HIS A 81 31.17 -22.71 10.24
C HIS A 81 30.42 -24.01 9.86
N GLY A 82 30.08 -24.16 8.59
CA GLY A 82 29.30 -25.30 8.12
C GLY A 82 27.85 -25.28 8.61
N ILE A 83 27.29 -24.10 8.79
CA ILE A 83 25.86 -24.01 9.15
C ILE A 83 25.01 -24.28 7.92
N ILE A 84 23.74 -24.57 8.17
CA ILE A 84 22.74 -24.65 7.11
C ILE A 84 21.67 -23.64 7.49
N GLY A 85 20.79 -23.32 6.56
CA GLY A 85 19.66 -22.48 6.90
C GLY A 85 18.91 -21.82 5.77
N THR A 86 18.03 -20.90 6.19
CA THR A 86 17.05 -20.25 5.34
C THR A 86 17.02 -18.76 5.62
N GLY A 87 17.10 -17.97 4.58
CA GLY A 87 16.96 -16.53 4.67
C GLY A 87 15.72 -16.05 3.91
N ILE A 88 14.87 -15.25 4.56
CA ILE A 88 13.68 -14.71 3.91
C ILE A 88 13.84 -13.22 3.79
N ASP A 89 13.62 -12.71 2.58
CA ASP A 89 13.75 -11.29 2.30
C ASP A 89 12.78 -10.80 1.24
N SER A 91 13.01 -8.21 -0.74
CA SER A 91 13.61 -7.61 -1.95
C SER A 91 13.87 -8.68 -2.99
N GLN A 92 13.35 -8.45 -4.18
CA GLN A 92 13.62 -9.34 -5.32
C GLN A 92 15.12 -9.31 -5.66
N LEU A 93 15.69 -8.10 -5.74
CA LEU A 93 17.11 -7.94 -6.09
C LEU A 93 18.03 -8.59 -5.05
N PHE A 94 17.82 -8.27 -3.78
CA PHE A 94 18.73 -8.79 -2.74
C PHE A 94 18.65 -10.33 -2.61
N THR A 95 17.46 -10.89 -2.81
CA THR A 95 17.26 -12.35 -2.84
C THR A 95 18.08 -12.98 -3.98
N ALA A 96 17.98 -12.42 -5.18
CA ALA A 96 18.79 -12.90 -6.30
C ALA A 96 20.30 -12.84 -5.97
N GLN A 97 20.70 -11.71 -5.38
CA GLN A 97 22.09 -11.51 -4.98
C GLN A 97 22.57 -12.55 -3.97
N ALA A 98 21.67 -12.91 -3.04
CA ALA A 98 21.95 -13.92 -2.02
C ALA A 98 22.23 -15.27 -2.66
N LYS A 99 21.37 -15.66 -3.57
CA LYS A 99 21.56 -16.89 -4.33
C LYS A 99 22.89 -16.94 -5.11
N LEU A 100 23.20 -15.86 -5.84
CA LEU A 100 24.50 -15.72 -6.50
C LEU A 100 25.68 -15.84 -5.53
N ARG A 101 25.54 -15.21 -4.38
CA ARG A 101 26.58 -15.26 -3.36
C ARG A 101 26.82 -16.68 -2.87
N ALA A 102 25.73 -17.40 -2.60
CA ALA A 102 25.82 -18.80 -2.17
C ALA A 102 26.58 -19.69 -3.18
N GLU A 103 26.29 -19.48 -4.45
CA GLU A 103 27.00 -20.17 -5.51
C GLU A 103 28.46 -19.77 -5.57
N GLU A 104 28.70 -18.47 -5.59
CA GLU A 104 30.05 -17.96 -5.56
C GLU A 104 30.92 -18.58 -4.45
N LEU A 105 30.35 -18.78 -3.27
CA LEU A 105 31.10 -19.34 -2.14
C LEU A 105 30.99 -20.87 -1.97
N GLY A 106 30.33 -21.55 -2.89
CA GLY A 106 30.20 -23.00 -2.82
C GLY A 106 29.29 -23.52 -1.72
N VAL A 107 28.31 -22.74 -1.32
CA VAL A 107 27.40 -23.14 -0.22
C VAL A 107 25.91 -23.10 -0.62
N ALA A 108 25.62 -23.18 -1.92
CA ALA A 108 24.24 -23.18 -2.41
C ALA A 108 23.42 -24.38 -1.93
N ASP A 109 24.08 -25.51 -1.66
CA ASP A 109 23.39 -26.67 -1.07
C ASP A 109 23.19 -26.59 0.44
N ARG A 110 23.79 -25.59 1.09
CA ARG A 110 23.68 -25.44 2.54
C ARG A 110 22.69 -24.37 2.98
N VAL A 111 22.57 -23.29 2.21
CA VAL A 111 21.66 -22.19 2.57
C VAL A 111 20.70 -21.88 1.42
N THR A 112 19.44 -21.65 1.78
CA THR A 112 18.36 -21.39 0.85
C THR A 112 17.83 -19.98 1.07
N PHE A 113 17.42 -19.34 -0.02
CA PHE A 113 16.89 -17.99 0.05
C PHE A 113 15.52 -17.89 -0.60
N ILE A 114 14.55 -17.36 0.14
CA ILE A 114 13.19 -17.26 -0.32
C ILE A 114 12.86 -15.79 -0.45
N HIS A 115 12.28 -15.43 -1.59
CA HIS A 115 11.75 -14.09 -1.76
C HIS A 115 10.35 -13.99 -1.13
N GLY A 116 10.20 -13.22 -0.07
CA GLY A 116 8.94 -13.15 0.66
C GLY A 116 8.89 -12.18 1.81
N ASP A 117 7.66 -11.94 2.29
CA ASP A 117 7.41 -11.18 3.48
C ASP A 117 7.58 -12.07 4.71
N ALA A 118 8.43 -11.68 5.63
CA ALA A 118 8.73 -12.49 6.80
C ALA A 118 7.75 -12.25 7.97
N SER A 119 6.79 -11.36 7.79
CA SER A 119 5.82 -11.02 8.83
C SER A 119 5.05 -12.25 9.22
N GLY A 120 5.09 -12.58 10.51
CA GLY A 120 4.43 -13.79 11.02
C GLY A 120 5.06 -15.11 10.62
N TYR A 121 6.28 -15.09 10.10
CA TYR A 121 6.91 -16.29 9.61
C TYR A 121 7.37 -17.12 10.81
N VAL A 122 6.86 -18.34 10.88
CA VAL A 122 7.30 -19.33 11.85
C VAL A 122 7.74 -20.60 11.08
N SER A 123 8.95 -21.06 11.35
CA SER A 123 9.47 -22.24 10.69
C SER A 123 8.99 -23.47 11.45
N ASP A 124 8.49 -24.47 10.73
CA ASP A 124 8.25 -25.79 11.34
C ASP A 124 9.58 -26.48 11.67
N ASP A 125 10.58 -26.23 10.84
CA ASP A 125 11.94 -26.66 11.06
C ASP A 125 12.62 -25.70 12.05
N LYS A 126 12.68 -26.09 13.32
CA LYS A 126 13.19 -25.18 14.35
C LYS A 126 14.69 -24.95 14.19
N ALA A 127 15.11 -23.75 14.54
CA ALA A 127 16.49 -23.31 14.30
C ALA A 127 17.28 -23.18 15.60
N GLY A 128 18.54 -23.58 15.56
CA GLY A 128 19.49 -23.33 16.65
C GLY A 128 19.87 -21.85 16.79
N VAL A 129 19.78 -21.11 15.69
CA VAL A 129 19.85 -19.65 15.71
C VAL A 129 18.68 -19.07 14.92
N ALA A 130 17.86 -18.23 15.58
CA ALA A 130 16.75 -17.56 14.92
C ALA A 130 17.03 -16.07 14.97
N ALA A 131 17.19 -15.46 13.79
CA ALA A 131 17.74 -14.13 13.65
C ALA A 131 16.86 -13.13 12.94
N CYS A 132 16.86 -11.89 13.43
CA CYS A 132 16.34 -10.74 12.70
C CYS A 132 17.28 -9.57 12.94
N VAL A 133 18.17 -9.35 11.96
CA VAL A 133 19.31 -8.44 12.10
C VAL A 133 19.02 -7.17 11.32
N GLY A 134 18.44 -6.20 12.01
CA GLY A 134 18.17 -4.88 11.44
C GLY A 134 16.84 -4.75 10.72
N ALA A 135 15.87 -5.62 11.03
CA ALA A 135 14.54 -5.48 10.46
C ALA A 135 13.45 -5.76 11.50
N THR A 136 13.54 -5.14 12.68
CA THR A 136 12.64 -5.45 13.79
C THR A 136 11.21 -4.93 13.66
N TRP A 137 10.96 -4.11 12.65
CA TRP A 137 9.60 -3.78 12.28
C TRP A 137 8.81 -5.00 11.82
N ILE A 138 9.49 -6.02 11.30
CA ILE A 138 8.86 -7.28 10.89
C ILE A 138 7.93 -7.85 11.99
N GLY A 139 8.36 -7.78 13.25
CA GLY A 139 7.54 -8.19 14.39
C GLY A 139 6.91 -7.06 15.16
N GLY A 140 6.81 -5.88 14.56
CA GLY A 140 6.31 -4.70 15.25
C GLY A 140 7.21 -4.13 16.34
N GLY A 141 8.52 -4.25 16.19
CA GLY A 141 9.48 -3.83 17.21
C GLY A 141 10.23 -4.98 17.88
N VAL A 142 11.06 -4.62 18.84
CA VAL A 142 11.99 -5.55 19.46
C VAL A 142 11.23 -6.66 20.18
N ALA A 143 10.31 -6.31 21.06
CA ALA A 143 9.60 -7.33 21.86
C ALA A 143 8.85 -8.31 20.96
N GLY A 144 8.11 -7.75 20.01
CA GLY A 144 7.35 -8.56 19.08
C GLY A 144 8.21 -9.41 18.16
N THR A 145 9.34 -8.87 17.70
CA THR A 145 10.25 -9.66 16.87
C THR A 145 10.88 -10.81 17.66
N ILE A 146 11.27 -10.55 18.90
CA ILE A 146 11.82 -11.60 19.78
C ILE A 146 10.80 -12.73 19.98
N GLU A 147 9.56 -12.33 20.29
CA GLU A 147 8.46 -13.24 20.43
C GLU A 147 8.27 -14.10 19.15
N LEU A 148 8.34 -13.47 17.98
CA LEU A 148 8.17 -14.18 16.71
C LEU A 148 9.28 -15.23 16.49
N LEU A 149 10.53 -14.78 16.67
CA LEU A 149 11.70 -15.66 16.54
C LEU A 149 11.68 -16.81 17.54
N ALA A 150 11.19 -16.55 18.76
CA ALA A 150 11.08 -17.58 19.79
C ALA A 150 10.23 -18.76 19.32
N ARG A 151 9.21 -18.49 18.52
CA ARG A 151 8.38 -19.57 18.02
C ARG A 151 9.08 -20.50 17.02
N SER A 152 10.21 -20.08 16.45
CA SER A 152 11.01 -20.91 15.54
C SER A 152 12.27 -21.46 16.18
N LEU A 153 12.43 -21.24 17.48
CA LEU A 153 13.69 -21.56 18.12
C LEU A 153 13.69 -22.97 18.66
N ARG A 154 14.69 -23.77 18.33
CA ARG A 154 14.78 -25.10 18.92
C ARG A 154 15.29 -24.98 20.34
N PRO A 155 14.95 -25.97 21.20
CA PRO A 155 15.40 -25.94 22.58
C PRO A 155 16.89 -25.70 22.64
N GLY A 156 17.34 -24.79 23.48
CA GLY A 156 18.76 -24.53 23.65
C GLY A 156 19.32 -23.53 22.64
N GLY A 157 18.48 -23.04 21.73
CA GLY A 157 18.96 -22.16 20.70
C GLY A 157 19.17 -20.71 21.12
N ILE A 158 19.61 -19.91 20.15
CA ILE A 158 19.93 -18.50 20.37
C ILE A 158 19.07 -17.62 19.46
N ILE A 159 18.59 -16.51 20.01
CA ILE A 159 17.92 -15.46 19.22
C ILE A 159 18.92 -14.34 18.95
N LEU A 160 18.97 -13.89 17.70
CA LEU A 160 19.76 -12.72 17.33
C LEU A 160 18.86 -11.56 16.94
N ILE A 161 19.09 -10.43 17.59
CA ILE A 161 18.38 -9.18 17.31
C ILE A 161 19.40 -8.10 16.97
N GLY A 162 19.24 -7.50 15.81
CA GLY A 162 20.03 -6.35 15.36
C GLY A 162 19.18 -5.11 15.43
N GLU A 163 19.64 -4.09 16.17
CA GLU A 163 18.78 -2.98 16.55
C GLU A 163 19.61 -1.75 16.84
N PRO A 164 19.10 -0.56 16.48
CA PRO A 164 19.80 0.63 16.88
C PRO A 164 19.62 0.95 18.37
N TYR A 165 20.51 1.76 18.90
CA TYR A 165 20.35 2.31 20.26
C TYR A 165 20.96 3.71 20.26
N TRP A 166 20.57 4.53 21.26
CA TRP A 166 21.15 5.86 21.40
C TRP A 166 22.55 5.74 21.97
N ARG A 167 23.51 6.10 21.15
CA ARG A 167 24.90 6.22 21.54
C ARG A 167 25.07 7.43 22.50
N GLN A 168 24.34 8.50 22.18
CA GLN A 168 24.17 9.65 23.06
C GLN A 168 22.72 10.06 23.03
N VAL A 169 22.27 10.71 24.10
CA VAL A 169 20.87 11.10 24.21
C VAL A 169 20.63 12.24 23.23
N PRO A 170 19.66 12.09 22.29
CA PRO A 170 19.39 13.24 21.43
C PRO A 170 18.62 14.30 22.21
N PRO A 171 19.08 15.54 22.16
CA PRO A 171 18.46 16.55 23.01
C PRO A 171 17.06 16.97 22.55
N THR A 172 16.76 16.84 21.27
CA THR A 172 15.50 17.31 20.71
C THR A 172 14.95 16.27 19.76
N GLU A 173 13.68 16.44 19.40
CA GLU A 173 13.03 15.66 18.33
C GLU A 173 13.63 15.91 16.91
N ASP A 174 14.08 17.13 16.64
CA ASP A 174 14.82 17.46 15.41
C ASP A 174 16.11 16.58 15.24
N VAL A 175 16.86 16.37 16.34
CA VAL A 175 18.02 15.47 16.32
C VAL A 175 17.62 14.01 16.13
N ALA A 176 16.54 13.58 16.82
CA ALA A 176 15.98 12.23 16.62
C ALA A 176 15.57 11.99 15.15
N ARG A 177 14.88 12.97 14.57
CA ARG A 177 14.43 12.92 13.16
C ARG A 177 15.59 13.00 12.13
N GLY A 178 16.56 13.87 12.35
CA GLY A 178 17.85 13.86 11.62
C GLY A 178 18.57 12.51 11.62
N CYS A 179 18.39 11.72 12.70
CA CYS A 179 18.85 10.30 12.78
C CYS A 179 17.91 9.30 12.08
N LEU A 180 16.86 9.82 11.44
CA LEU A 180 15.81 9.03 10.76
C LEU A 180 14.93 8.21 11.73
N ALA A 181 14.91 8.58 13.02
CA ALA A 181 13.90 8.07 13.97
C ALA A 181 12.65 8.96 13.90
N ASN A 182 11.50 8.36 14.16
CA ASN A 182 10.25 9.11 14.30
C ASN A 182 10.27 10.01 15.52
N SER A 183 10.79 9.46 16.61
CA SER A 183 10.79 10.10 17.92
C SER A 183 11.98 9.64 18.77
N THR A 184 12.29 10.41 19.82
CA THR A 184 13.38 10.06 20.75
C THR A 184 13.11 8.73 21.47
N SER A 185 11.83 8.38 21.66
CA SER A 185 11.47 7.13 22.33
C SER A 185 11.61 5.87 21.47
N ASP A 186 11.88 6.01 20.17
CA ASP A 186 12.08 4.86 19.27
C ASP A 186 13.20 3.93 19.73
N PHE A 187 14.27 4.50 20.29
CA PHE A 187 15.43 3.75 20.70
C PHE A 187 15.76 4.02 22.15
N LEU A 188 16.59 3.16 22.70
CA LEU A 188 17.01 3.24 24.09
C LEU A 188 18.50 3.43 24.15
N LEU A 190 22.17 2.20 25.53
CA LEU A 190 22.64 0.82 25.55
C LEU A 190 22.25 0.05 26.82
N PRO A 191 22.55 0.60 28.01
CA PRO A 191 22.23 -0.17 29.23
C PRO A 191 20.73 -0.38 29.41
N GLU A 192 19.91 0.59 28.98
CA GLU A 192 18.46 0.45 29.03
C GLU A 192 17.94 -0.62 28.05
N LEU A 193 18.56 -0.73 26.88
CA LEU A 193 18.20 -1.78 25.93
C LEU A 193 18.53 -3.16 26.52
N LEU A 194 19.73 -3.31 27.08
CA LEU A 194 20.14 -4.59 27.66
C LEU A 194 19.19 -5.01 28.76
N ALA A 195 18.82 -4.06 29.61
CA ALA A 195 17.85 -4.30 30.69
C ALA A 195 16.48 -4.68 30.15
N SER A 196 16.06 -4.07 29.04
CA SER A 196 14.79 -4.43 28.41
C SER A 196 14.73 -5.90 27.96
N PHE A 197 15.86 -6.44 27.52
CA PHE A 197 15.91 -7.87 27.16
C PHE A 197 15.66 -8.76 28.36
N GLY A 198 16.25 -8.39 29.48
CA GLY A 198 16.03 -9.06 30.77
C GLY A 198 14.58 -9.00 31.20
N ARG A 199 13.96 -7.83 31.07
CA ARG A 199 12.53 -7.69 31.42
C ARG A 199 11.62 -8.57 30.59
N LEU A 200 11.98 -8.83 29.34
CA LEU A 200 11.20 -9.72 28.49
C LEU A 200 11.39 -11.20 28.81
N GLY A 201 12.34 -11.54 29.67
CA GLY A 201 12.63 -12.92 30.02
C GLY A 201 13.80 -13.58 29.30
N TYR A 202 14.74 -12.77 28.79
CA TYR A 202 15.91 -13.27 28.07
C TYR A 202 17.22 -12.89 28.76
N ASP A 203 18.16 -13.84 28.76
CA ASP A 203 19.56 -13.54 29.07
C ASP A 203 20.23 -12.98 27.82
N VAL A 204 21.02 -11.92 27.97
CA VAL A 204 21.94 -11.50 26.91
C VAL A 204 23.18 -12.36 27.06
N VAL A 205 23.45 -13.19 26.06
CA VAL A 205 24.60 -14.13 26.10
C VAL A 205 25.80 -13.77 25.22
N GLU A 206 25.60 -12.84 24.30
CA GLU A 206 26.71 -12.28 23.50
C GLU A 206 26.24 -11.00 22.80
N VAL A 208 27.76 -8.01 19.60
CA VAL A 208 28.73 -7.33 18.74
C VAL A 208 28.10 -6.01 18.34
N LEU A 209 28.75 -4.92 18.70
CA LEU A 209 28.24 -3.57 18.45
C LEU A 209 29.00 -2.92 17.33
N ALA A 210 28.28 -2.18 16.51
CA ALA A 210 28.91 -1.36 15.46
C ALA A 210 29.80 -0.32 16.08
N ASP A 211 30.80 0.10 15.33
CA ASP A 211 31.46 1.37 15.66
C ASP A 211 31.19 2.35 14.54
N GLN A 212 31.74 3.55 14.65
CA GLN A 212 31.49 4.58 13.63
C GLN A 212 32.01 4.21 12.25
N ASP A 213 33.10 3.45 12.19
CA ASP A 213 33.65 2.93 10.92
C ASP A 213 32.68 2.00 10.19
N GLY A 214 31.92 1.21 10.96
CA GLY A 214 30.88 0.38 10.40
C GLY A 214 29.72 1.19 9.82
N TRP A 215 29.29 2.22 10.54
CA TRP A 215 28.34 3.18 10.01
C TRP A 215 28.84 3.85 8.73
N ASP A 216 30.11 4.22 8.73
CA ASP A 216 30.72 4.81 7.52
C ASP A 216 30.58 3.87 6.32
N ARG A 217 30.87 2.58 6.52
CA ARG A 217 30.73 1.59 5.41
C ARG A 217 29.33 1.50 4.89
N TYR A 218 28.39 1.41 5.80
CA TYR A 218 26.99 1.31 5.44
C TYR A 218 26.46 2.56 4.71
N GLU A 219 26.76 3.75 5.24
CA GLU A 219 26.25 4.98 4.63
C GLU A 219 27.06 5.46 3.44
N ALA A 220 28.38 5.56 3.59
CA ALA A 220 29.22 6.15 2.53
C ALA A 220 29.19 5.40 1.21
N ALA A 221 29.05 4.08 1.29
CA ALA A 221 28.99 3.27 0.09
C ALA A 221 27.75 3.59 -0.75
N LYS A 222 26.68 4.04 -0.10
CA LYS A 222 25.48 4.45 -0.82
C LYS A 222 25.75 5.61 -1.76
N TRP A 223 26.63 6.51 -1.34
CA TRP A 223 26.84 7.74 -2.10
C TRP A 223 27.47 7.44 -3.46
N LEU A 224 28.48 6.59 -3.44
CA LEU A 224 29.09 6.18 -4.69
C LEU A 224 28.10 5.46 -5.61
N THR A 225 27.35 4.53 -5.04
CA THR A 225 26.33 3.79 -5.79
C THR A 225 25.33 4.77 -6.41
N ARG A 227 25.73 7.99 -7.09
CA ARG A 227 26.33 8.84 -8.11
C ARG A 227 26.44 8.11 -9.43
N ARG A 228 26.87 6.86 -9.37
CA ARG A 228 26.99 6.04 -10.59
C ARG A 228 25.65 5.74 -11.20
N TRP A 229 24.66 5.46 -10.35
CA TRP A 229 23.31 5.24 -10.82
C TRP A 229 22.74 6.46 -11.54
N LEU A 230 23.02 7.65 -11.01
CA LEU A 230 22.57 8.91 -11.64
C LEU A 230 23.16 9.12 -13.00
N GLU A 231 24.46 8.84 -13.08
CA GLU A 231 25.22 8.87 -14.32
C GLU A 231 24.59 7.94 -15.37
N ALA A 232 24.24 6.73 -14.95
CA ALA A 232 23.67 5.73 -15.87
C ALA A 232 22.17 5.89 -16.14
N ASN A 233 21.46 6.71 -15.37
CA ASN A 233 20.00 6.86 -15.51
C ASN A 233 19.52 8.30 -15.38
N PRO A 234 20.04 9.21 -16.21
CA PRO A 234 19.68 10.63 -16.03
C PRO A 234 18.17 10.94 -16.17
N ASP A 235 17.44 10.15 -16.95
CA ASP A 235 16.02 10.40 -17.22
C ASP A 235 15.03 9.56 -16.44
N ASP A 236 15.51 8.84 -15.43
CA ASP A 236 14.62 8.06 -14.56
C ASP A 236 13.78 9.01 -13.68
N GLU A 237 12.55 8.59 -13.37
CA GLU A 237 11.65 9.37 -12.51
C GLU A 237 12.29 9.70 -11.16
N LEU A 238 13.06 8.76 -10.60
CA LEU A 238 13.69 8.96 -9.29
C LEU A 238 15.02 9.73 -9.31
N ALA A 239 15.52 10.09 -10.49
CA ALA A 239 16.80 10.83 -10.60
C ALA A 239 16.84 12.12 -9.79
N LYS A 240 15.77 12.88 -9.79
CA LYS A 240 15.69 14.11 -8.97
C LYS A 240 15.82 13.85 -7.45
N GLU A 241 15.08 12.86 -6.96
CA GLU A 241 15.10 12.53 -5.54
C GLU A 241 16.46 11.96 -5.13
N VAL A 242 17.05 11.12 -5.98
CA VAL A 242 18.38 10.57 -5.71
C VAL A 242 19.43 11.65 -5.67
N ARG A 243 19.35 12.56 -6.62
CA ARG A 243 20.25 13.72 -6.67
C ARG A 243 20.19 14.58 -5.40
N ALA A 244 18.99 14.87 -4.95
CA ALA A 244 18.79 15.63 -3.69
C ALA A 244 19.36 14.92 -2.46
N GLN A 245 19.09 13.62 -2.37
CA GLN A 245 19.62 12.84 -1.27
C GLN A 245 21.14 12.77 -1.30
N LEU A 246 21.71 12.60 -2.47
CA LEU A 246 23.18 12.57 -2.59
C LEU A 246 23.81 13.86 -2.07
N THR A 247 23.14 14.99 -2.34
CA THR A 247 23.62 16.28 -1.90
C THR A 247 23.60 16.44 -0.37
N SER A 248 22.51 16.02 0.26
CA SER A 248 22.29 16.33 1.66
C SER A 248 22.78 15.23 2.61
N GLU A 249 22.86 14.01 2.13
CA GLU A 249 23.10 12.85 3.03
C GLU A 249 24.44 12.90 3.79
N PRO A 250 25.55 13.29 3.13
CA PRO A 250 26.83 13.27 3.88
C PRO A 250 26.79 14.18 5.12
N GLY A 251 26.27 15.38 4.96
CA GLY A 251 26.07 16.30 6.08
C GLY A 251 25.13 15.77 7.15
N ARG A 252 23.98 15.24 6.75
CA ARG A 252 22.99 14.73 7.71
C ARG A 252 23.62 13.59 8.50
N TYR A 253 24.23 12.64 7.78
CA TYR A 253 24.87 11.49 8.39
C TYR A 253 25.90 11.91 9.45
N ALA A 254 26.83 12.77 9.05
CA ALA A 254 27.92 13.19 9.93
C ALA A 254 27.40 14.02 11.12
N SER A 255 26.38 14.82 10.90
CA SER A 255 25.84 15.66 11.96
C SER A 255 24.99 14.92 12.98
N TYR A 256 24.24 13.91 12.54
CA TYR A 256 23.22 13.30 13.38
C TYR A 256 23.56 11.86 13.65
N THR A 257 23.44 10.99 12.65
CA THR A 257 23.59 9.53 12.84
C THR A 257 24.94 9.15 13.45
N ARG A 258 26.01 9.65 12.86
CA ARG A 258 27.35 9.20 13.25
C ARG A 258 27.63 9.48 14.72
N GLU A 259 27.17 10.62 15.22
CA GLU A 259 27.38 11.00 16.61
C GLU A 259 26.38 10.42 17.61
N TYR A 260 25.12 10.27 17.22
CA TYR A 260 24.04 9.96 18.16
C TYR A 260 23.57 8.51 18.16
N LEU A 261 23.64 7.86 17.00
CA LEU A 261 23.02 6.56 16.81
C LEU A 261 24.04 5.42 16.86
N GLY A 262 23.83 4.53 17.82
CA GLY A 262 24.55 3.25 17.87
C GLY A 262 23.77 2.16 17.15
N TRP A 263 24.43 1.01 16.95
CA TRP A 263 23.76 -0.17 16.42
C TRP A 263 24.47 -1.43 16.89
N GLY A 264 23.72 -2.48 17.13
CA GLY A 264 24.33 -3.74 17.52
C GLY A 264 23.51 -4.96 17.26
N VAL A 265 24.18 -6.11 17.34
CA VAL A 265 23.56 -7.41 17.30
C VAL A 265 23.71 -8.04 18.69
N PHE A 266 22.59 -8.49 19.22
CA PHE A 266 22.47 -8.99 20.59
C PHE A 266 22.02 -10.44 20.53
N ALA A 267 22.77 -11.30 21.19
CA ALA A 267 22.45 -12.72 21.25
C ALA A 267 21.71 -13.01 22.58
N LEU A 268 20.55 -13.63 22.45
CA LEU A 268 19.61 -13.83 23.56
C LEU A 268 19.22 -15.29 23.70
N PRO A 270 16.25 -17.53 26.06
CA PRO A 270 15.20 -17.41 27.07
C PRO A 270 15.59 -17.97 28.42
N ARG A 271 15.23 -17.26 29.48
CA ARG A 271 15.54 -17.67 30.87
C ARG A 271 14.75 -18.90 31.25
N LEU B 24 -5.08 0.51 -11.23
CA LEU B 24 -5.66 1.59 -12.10
C LEU B 24 -4.53 2.25 -12.90
N ASP B 25 -4.64 2.19 -14.22
CA ASP B 25 -3.63 2.75 -15.10
C ASP B 25 -4.15 2.82 -16.53
N ILE B 26 -3.54 3.71 -17.31
CA ILE B 26 -3.82 3.80 -18.75
C ILE B 26 -3.13 2.64 -19.49
N PRO B 27 -3.54 2.36 -20.76
CA PRO B 27 -2.83 1.34 -21.54
C PRO B 27 -1.34 1.66 -21.73
N ARG B 28 -0.52 0.62 -21.72
CA ARG B 28 0.93 0.78 -21.72
C ARG B 28 1.50 1.56 -22.90
N ILE B 29 0.87 1.42 -24.06
CA ILE B 29 1.30 2.15 -25.25
C ILE B 29 1.37 3.67 -25.04
N PHE B 30 0.35 4.23 -24.37
CA PHE B 30 0.30 5.66 -24.06
C PHE B 30 1.47 6.06 -23.13
N THR B 31 1.68 5.26 -22.09
CA THR B 31 2.79 5.44 -21.17
C THR B 31 4.16 5.42 -21.91
N ILE B 32 4.34 4.43 -22.77
CA ILE B 32 5.58 4.25 -23.50
C ILE B 32 5.87 5.44 -24.46
N THR B 33 4.86 5.84 -25.23
CA THR B 33 5.05 6.87 -26.23
C THR B 33 5.15 8.28 -25.65
N GLU B 34 4.46 8.53 -24.52
CA GLU B 34 4.38 9.88 -23.96
C GLU B 34 5.13 10.09 -22.64
N SER B 35 6.03 9.18 -22.28
CA SER B 35 6.77 9.31 -21.02
C SER B 35 7.67 10.56 -20.93
N ALA B 36 8.09 11.11 -22.07
CA ALA B 36 8.90 12.33 -22.11
C ALA B 36 8.10 13.60 -22.43
N HIS B 37 6.76 13.52 -22.43
CA HIS B 37 5.88 14.68 -22.68
C HIS B 37 5.51 15.41 -21.39
N ARG B 38 5.80 16.70 -21.34
CA ARG B 38 5.22 17.54 -20.28
C ARG B 38 3.74 17.79 -20.54
N ILE B 39 3.41 17.98 -21.81
CA ILE B 39 2.04 18.31 -22.22
C ILE B 39 1.57 17.19 -23.14
N HIS B 40 0.46 16.56 -22.78
CA HIS B 40 -0.10 15.45 -23.53
C HIS B 40 -1.21 15.90 -24.48
N ASN B 41 -0.90 16.89 -25.29
CA ASN B 41 -1.86 17.53 -26.17
C ASN B 41 -1.08 18.30 -27.20
N PRO B 42 -1.72 18.64 -28.31
CA PRO B 42 -1.03 19.38 -29.37
C PRO B 42 -0.93 20.89 -29.14
N ILE B 43 -0.69 21.33 -27.93
CA ILE B 43 -0.34 22.73 -27.73
C ILE B 43 1.05 22.88 -27.12
N THR B 44 1.73 23.92 -27.56
CA THR B 44 3.11 24.19 -27.16
C THR B 44 3.11 24.73 -25.73
N PRO B 45 4.29 24.69 -25.07
CA PRO B 45 4.47 25.40 -23.80
C PRO B 45 4.16 26.90 -23.90
N GLU B 46 4.56 27.53 -25.00
CA GLU B 46 4.28 28.94 -25.23
C GLU B 46 2.74 29.18 -25.27
N LYS B 47 2.01 28.30 -25.94
CA LYS B 47 0.53 28.34 -25.93
C LYS B 47 -0.11 28.09 -24.57
N LEU B 48 0.45 27.18 -23.81
CA LEU B 48 -0.05 26.95 -22.46
C LEU B 48 0.13 28.17 -21.54
N THR B 49 1.27 28.84 -21.67
CA THR B 49 1.53 30.15 -21.03
C THR B 49 0.53 31.22 -21.48
N THR B 50 0.33 31.33 -22.79
CA THR B 50 -0.62 32.27 -23.36
C THR B 50 -2.00 32.04 -22.74
N LEU B 51 -2.41 30.78 -22.64
CA LEU B 51 -3.72 30.44 -22.04
C LEU B 51 -3.83 30.94 -20.62
N GLY B 52 -2.85 30.61 -19.80
CA GLY B 52 -2.85 31.07 -18.40
C GLY B 52 -3.01 32.59 -18.26
N ALA B 53 -2.25 33.34 -19.06
CA ALA B 53 -2.32 34.81 -19.06
C ALA B 53 -3.65 35.32 -19.56
N ALA B 54 -4.21 34.66 -20.57
CA ALA B 54 -5.48 35.03 -21.16
C ALA B 54 -6.66 34.93 -20.21
N LEU B 55 -6.57 33.99 -19.28
CA LEU B 55 -7.62 33.80 -18.28
C LEU B 55 -7.68 34.92 -17.24
N ARG B 56 -6.62 35.73 -17.14
CA ARG B 56 -6.62 36.86 -16.21
C ARG B 56 -7.13 36.34 -14.88
N LEU B 57 -6.41 35.35 -14.37
CA LEU B 57 -6.72 34.70 -13.10
C LEU B 57 -6.79 35.85 -12.02
N GLU B 58 -7.86 35.88 -11.24
CA GLU B 58 -7.91 36.74 -10.07
C GLU B 58 -6.94 36.15 -9.00
N PRO B 59 -6.37 37.03 -8.12
CA PRO B 59 -5.48 36.49 -7.09
C PRO B 59 -6.20 35.43 -6.25
N GLY B 60 -5.48 34.37 -5.87
CA GLY B 60 -6.06 33.39 -4.98
C GLY B 60 -7.00 32.38 -5.60
N THR B 61 -6.83 32.12 -6.88
CA THR B 61 -7.74 31.26 -7.59
C THR B 61 -7.48 29.74 -7.48
N ARG B 62 -8.54 28.98 -7.22
CA ARG B 62 -8.45 27.52 -7.15
C ARG B 62 -8.76 26.91 -8.52
N VAL B 63 -7.88 26.00 -8.97
CA VAL B 63 -8.06 25.29 -10.24
C VAL B 63 -8.24 23.79 -9.98
N LEU B 64 -9.34 23.23 -10.43
CA LEU B 64 -9.51 21.77 -10.52
C LEU B 64 -9.25 21.32 -11.97
N ASP B 65 -8.42 20.29 -12.13
CA ASP B 65 -8.06 19.77 -13.45
C ASP B 65 -8.31 18.26 -13.51
N LEU B 66 -9.31 17.85 -14.27
CA LEU B 66 -9.63 16.43 -14.45
C LEU B 66 -8.92 15.88 -15.69
N GLY B 67 -8.15 14.81 -15.49
CA GLY B 67 -7.27 14.25 -16.53
C GLY B 67 -6.08 15.16 -16.71
N SER B 68 -5.39 15.42 -15.60
CA SER B 68 -4.37 16.48 -15.52
C SER B 68 -3.00 16.12 -16.11
N GLY B 69 -2.85 14.88 -16.57
CA GLY B 69 -1.64 14.45 -17.29
C GLY B 69 -0.43 14.45 -16.37
N SER B 70 0.64 15.09 -16.85
CA SER B 70 1.87 15.27 -16.07
C SER B 70 1.88 16.63 -15.36
N GLY B 71 0.71 17.23 -15.18
CA GLY B 71 0.54 18.36 -14.29
C GLY B 71 1.09 19.68 -14.79
N GLU B 72 1.46 19.76 -16.06
CA GLU B 72 2.16 20.96 -16.54
C GLU B 72 1.33 22.26 -16.38
N LEU B 74 -1.21 22.97 -14.21
CA LEU B 74 -1.29 23.37 -12.82
C LEU B 74 0.04 23.92 -12.32
N CYS B 75 1.14 23.23 -12.62
CA CYS B 75 2.43 23.59 -12.08
C CYS B 75 2.91 24.93 -12.61
N THR B 76 2.86 25.09 -13.93
CA THR B 76 3.31 26.34 -14.54
C THR B 76 2.44 27.55 -14.14
N TRP B 77 1.12 27.30 -14.02
CA TRP B 77 0.21 28.38 -13.62
C TRP B 77 0.31 28.71 -12.12
N ALA B 78 0.62 27.72 -11.28
CA ALA B 78 0.96 27.98 -9.88
C ALA B 78 2.19 28.89 -9.79
N ARG B 79 3.20 28.58 -10.60
CA ARG B 79 4.41 29.38 -10.67
C ARG B 79 4.11 30.79 -11.17
N ASP B 80 3.41 30.90 -12.28
CA ASP B 80 3.28 32.19 -12.98
C ASP B 80 2.06 33.03 -12.57
N HIS B 81 1.02 32.39 -12.04
CA HIS B 81 -0.20 33.10 -11.65
C HIS B 81 -0.66 32.85 -10.25
N GLY B 82 0.13 32.13 -9.46
CA GLY B 82 -0.15 32.01 -8.03
C GLY B 82 -1.46 31.31 -7.73
N ILE B 83 -1.86 30.44 -8.63
CA ILE B 83 -3.03 29.63 -8.39
C ILE B 83 -2.70 28.51 -7.41
N ILE B 84 -3.76 27.93 -6.86
CA ILE B 84 -3.69 26.69 -6.12
C ILE B 84 -4.62 25.71 -6.78
N GLY B 85 -4.50 24.44 -6.45
CA GLY B 85 -5.41 23.45 -7.00
C GLY B 85 -5.03 21.99 -6.97
N THR B 86 -5.85 21.22 -7.68
CA THR B 86 -5.86 19.75 -7.64
C THR B 86 -5.96 19.19 -9.05
N GLY B 87 -5.08 18.25 -9.38
CA GLY B 87 -5.12 17.53 -10.66
C GLY B 87 -5.36 16.04 -10.44
N ILE B 88 -6.34 15.47 -11.13
CA ILE B 88 -6.63 14.03 -11.03
C ILE B 88 -6.34 13.36 -12.34
N ASP B 89 -5.58 12.28 -12.27
CA ASP B 89 -5.19 11.56 -13.48
C ASP B 89 -5.04 10.07 -13.24
N SER B 91 -3.19 7.88 -14.89
CA SER B 91 -1.85 7.33 -15.14
C SER B 91 -1.00 7.38 -13.87
N GLN B 92 -0.45 6.25 -13.50
CA GLN B 92 0.49 6.18 -12.37
C GLN B 92 1.74 6.98 -12.70
N LEU B 93 2.29 6.77 -13.88
CA LEU B 93 3.50 7.45 -14.28
C LEU B 93 3.32 8.98 -14.36
N PHE B 94 2.29 9.43 -15.07
CA PHE B 94 2.09 10.88 -15.25
C PHE B 94 1.78 11.60 -13.92
N THR B 95 1.08 10.93 -13.01
CA THR B 95 0.87 11.45 -11.64
C THR B 95 2.21 11.65 -10.88
N ALA B 96 3.07 10.63 -10.89
CA ALA B 96 4.39 10.75 -10.26
C ALA B 96 5.19 11.92 -10.89
N GLN B 97 5.13 12.01 -12.22
CA GLN B 97 5.80 13.09 -12.94
C GLN B 97 5.30 14.48 -12.55
N ALA B 98 3.98 14.57 -12.32
CA ALA B 98 3.34 15.83 -11.91
C ALA B 98 3.87 16.29 -10.54
N LYS B 99 3.91 15.35 -9.60
CA LYS B 99 4.49 15.60 -8.27
C LYS B 99 5.95 16.09 -8.32
N LEU B 100 6.79 15.40 -9.08
CA LEU B 100 8.17 15.84 -9.31
C LEU B 100 8.24 17.23 -9.92
N ARG B 101 7.37 17.50 -10.89
CA ARG B 101 7.35 18.80 -11.55
C ARG B 101 7.03 19.92 -10.56
N ALA B 102 6.05 19.69 -9.68
CA ALA B 102 5.68 20.65 -8.65
C ALA B 102 6.86 21.00 -7.74
N GLU B 103 7.60 19.97 -7.33
CA GLU B 103 8.79 20.15 -6.52
C GLU B 103 9.86 20.89 -7.29
N GLU B 104 10.14 20.44 -8.50
CA GLU B 104 11.08 21.12 -9.38
C GLU B 104 10.85 22.65 -9.53
N LEU B 105 9.58 23.06 -9.65
CA LEU B 105 9.23 24.47 -9.80
C LEU B 105 8.91 25.21 -8.49
N GLY B 106 9.08 24.56 -7.35
CA GLY B 106 8.83 25.21 -6.06
C GLY B 106 7.36 25.50 -5.77
N VAL B 107 6.45 24.69 -6.30
CA VAL B 107 4.99 24.91 -6.09
C VAL B 107 4.27 23.68 -5.52
N ALA B 108 5.01 22.79 -4.86
CA ALA B 108 4.42 21.60 -4.25
C ALA B 108 3.41 21.93 -3.14
N ASP B 109 3.60 23.05 -2.45
CA ASP B 109 2.63 23.50 -1.43
C ASP B 109 1.39 24.22 -2.03
N ARG B 110 1.39 24.47 -3.33
CA ARG B 110 0.27 25.14 -4.01
C ARG B 110 -0.64 24.20 -4.85
N VAL B 111 -0.08 23.13 -5.42
CA VAL B 111 -0.87 22.18 -6.21
C VAL B 111 -0.69 20.75 -5.75
N THR B 112 -1.78 19.97 -5.77
CA THR B 112 -1.82 18.57 -5.35
C THR B 112 -2.21 17.67 -6.51
N PHE B 113 -1.65 16.48 -6.56
CA PHE B 113 -1.95 15.51 -7.64
C PHE B 113 -2.39 14.19 -7.06
N ILE B 114 -3.55 13.72 -7.53
CA ILE B 114 -4.12 12.46 -7.06
C ILE B 114 -4.16 11.47 -8.20
N HIS B 115 -3.69 10.27 -7.94
CA HIS B 115 -3.82 9.19 -8.90
C HIS B 115 -5.20 8.58 -8.79
N GLY B 116 -6.00 8.73 -9.83
CA GLY B 116 -7.36 8.21 -9.81
C GLY B 116 -8.15 8.36 -11.08
N ASP B 117 -9.30 7.68 -11.11
CA ASP B 117 -10.31 7.85 -12.13
C ASP B 117 -11.14 9.10 -11.81
N ALA B 118 -11.19 10.06 -12.74
CA ALA B 118 -11.91 11.34 -12.53
C ALA B 118 -13.40 11.26 -12.90
N SER B 119 -13.88 10.08 -13.31
CA SER B 119 -15.30 9.90 -13.67
C SER B 119 -16.15 10.20 -12.47
N GLY B 120 -17.09 11.11 -12.64
CA GLY B 120 -17.98 11.51 -11.55
C GLY B 120 -17.34 12.30 -10.43
N TYR B 121 -16.13 12.82 -10.65
CA TYR B 121 -15.40 13.54 -9.61
C TYR B 121 -15.99 14.94 -9.43
N VAL B 122 -16.46 15.23 -8.21
CA VAL B 122 -16.98 16.53 -7.83
C VAL B 122 -16.22 16.99 -6.60
N SER B 123 -15.65 18.18 -6.68
CA SER B 123 -14.90 18.73 -5.57
C SER B 123 -15.84 19.44 -4.59
N ASP B 124 -15.63 19.21 -3.30
CA ASP B 124 -16.35 19.97 -2.27
C ASP B 124 -15.84 21.40 -2.19
N ASP B 125 -14.53 21.57 -2.41
CA ASP B 125 -13.93 22.90 -2.52
C ASP B 125 -14.16 23.36 -3.93
N LYS B 126 -15.10 24.29 -4.12
CA LYS B 126 -15.46 24.75 -5.46
C LYS B 126 -14.32 25.56 -6.08
N ALA B 127 -14.18 25.43 -7.39
CA ALA B 127 -13.03 25.98 -8.09
C ALA B 127 -13.45 27.18 -8.93
N GLY B 128 -12.61 28.20 -8.93
CA GLY B 128 -12.75 29.33 -9.85
C GLY B 128 -12.47 28.94 -11.32
N VAL B 129 -11.67 27.89 -11.51
CA VAL B 129 -11.47 27.27 -12.83
C VAL B 129 -11.65 25.76 -12.69
N ALA B 130 -12.58 25.19 -13.45
CA ALA B 130 -12.83 23.74 -13.49
C ALA B 130 -12.54 23.26 -14.90
N ALA B 131 -11.53 22.39 -15.03
CA ALA B 131 -10.93 22.07 -16.33
C ALA B 131 -10.94 20.60 -16.67
N CYS B 132 -11.19 20.29 -17.94
CA CYS B 132 -10.91 18.99 -18.52
C CYS B 132 -10.34 19.21 -19.92
N VAL B 133 -9.02 19.13 -20.01
CA VAL B 133 -8.25 19.51 -21.19
C VAL B 133 -7.79 18.26 -21.94
N GLY B 134 -8.63 17.82 -22.89
CA GLY B 134 -8.29 16.69 -23.77
C GLY B 134 -8.71 15.31 -23.25
N ALA B 135 -9.66 15.26 -22.34
CA ALA B 135 -10.14 13.98 -21.83
C ALA B 135 -11.65 13.96 -21.63
N THR B 136 -12.38 14.43 -22.62
CA THR B 136 -13.83 14.64 -22.48
C THR B 136 -14.68 13.36 -22.45
N TRP B 137 -14.07 12.22 -22.73
CA TRP B 137 -14.71 10.92 -22.46
C TRP B 137 -15.01 10.72 -20.96
N ILE B 138 -14.23 11.38 -20.08
CA ILE B 138 -14.45 11.32 -18.63
C ILE B 138 -15.92 11.60 -18.24
N GLY B 139 -16.54 12.58 -18.90
CA GLY B 139 -17.97 12.88 -18.72
C GLY B 139 -18.88 12.36 -19.80
N GLY B 140 -18.43 11.39 -20.59
CA GLY B 140 -19.21 10.89 -21.74
C GLY B 140 -19.37 11.89 -22.87
N GLY B 141 -18.37 12.74 -23.10
CA GLY B 141 -18.44 13.74 -24.18
C GLY B 141 -18.47 15.18 -23.67
N VAL B 142 -18.53 16.12 -24.61
CA VAL B 142 -18.42 17.54 -24.31
C VAL B 142 -19.52 17.99 -23.35
N ALA B 143 -20.78 17.72 -23.70
CA ALA B 143 -21.89 18.17 -22.88
C ALA B 143 -21.82 17.59 -21.47
N GLY B 144 -21.59 16.29 -21.38
CA GLY B 144 -21.51 15.59 -20.09
C GLY B 144 -20.31 16.01 -19.26
N THR B 145 -19.18 16.24 -19.90
CA THR B 145 -18.01 16.78 -19.19
C THR B 145 -18.28 18.21 -18.65
N ILE B 146 -18.90 19.07 -19.46
CA ILE B 146 -19.24 20.42 -19.03
C ILE B 146 -20.16 20.36 -17.81
N GLU B 147 -21.17 19.52 -17.90
CA GLU B 147 -22.10 19.27 -16.81
C GLU B 147 -21.38 18.82 -15.52
N LEU B 148 -20.44 17.92 -15.66
CA LEU B 148 -19.67 17.43 -14.48
C LEU B 148 -18.85 18.55 -13.82
N LEU B 149 -18.10 19.27 -14.65
CA LEU B 149 -17.26 20.38 -14.20
C LEU B 149 -18.12 21.46 -13.55
N ALA B 150 -19.32 21.71 -14.08
CA ALA B 150 -20.20 22.72 -13.53
C ALA B 150 -20.52 22.44 -12.07
N ARG B 151 -20.60 21.17 -11.68
CA ARG B 151 -20.87 20.81 -10.27
C ARG B 151 -19.74 21.14 -9.29
N SER B 152 -18.54 21.38 -9.80
CA SER B 152 -17.41 21.83 -8.99
C SER B 152 -17.09 23.33 -9.13
N LEU B 153 -17.90 24.06 -9.88
CA LEU B 153 -17.55 25.44 -10.26
C LEU B 153 -18.08 26.40 -9.23
N ARG B 154 -17.23 27.27 -8.71
CA ARG B 154 -17.75 28.28 -7.81
C ARG B 154 -18.46 29.35 -8.66
N PRO B 155 -19.52 29.99 -8.09
CA PRO B 155 -20.17 31.10 -8.78
C PRO B 155 -19.17 32.10 -9.40
N GLY B 156 -19.37 32.44 -10.67
CA GLY B 156 -18.47 33.38 -11.37
C GLY B 156 -17.25 32.71 -12.00
N GLY B 157 -17.10 31.41 -11.81
CA GLY B 157 -15.91 30.70 -12.30
C GLY B 157 -15.91 30.42 -13.79
N ILE B 158 -14.85 29.78 -14.24
CA ILE B 158 -14.66 29.46 -15.65
C ILE B 158 -14.53 27.95 -15.81
N ILE B 159 -15.16 27.41 -16.85
CA ILE B 159 -14.94 26.02 -17.28
C ILE B 159 -13.99 25.98 -18.46
N LEU B 160 -13.00 25.08 -18.39
CA LEU B 160 -12.10 24.85 -19.51
C LEU B 160 -12.37 23.49 -20.12
N ILE B 161 -12.57 23.47 -21.43
CA ILE B 161 -12.74 22.25 -22.21
C ILE B 161 -11.69 22.21 -23.35
N GLY B 162 -10.91 21.14 -23.39
CA GLY B 162 -9.96 20.91 -24.47
C GLY B 162 -10.50 19.77 -25.33
N GLU B 163 -10.61 20.01 -26.64
CA GLU B 163 -11.38 19.12 -27.54
C GLU B 163 -10.88 19.26 -28.98
N PRO B 164 -10.84 18.15 -29.76
CA PRO B 164 -10.57 18.31 -31.18
C PRO B 164 -11.74 18.88 -31.97
N TYR B 165 -11.44 19.40 -33.14
CA TYR B 165 -12.45 19.88 -34.09
C TYR B 165 -11.88 19.68 -35.51
N TRP B 166 -12.75 19.65 -36.50
CA TRP B 166 -12.31 19.57 -37.90
C TRP B 166 -11.80 20.92 -38.37
N ARG B 167 -10.51 20.96 -38.65
CA ARG B 167 -9.84 22.10 -39.23
C ARG B 167 -10.31 22.30 -40.64
N GLN B 168 -10.47 21.19 -41.34
CA GLN B 168 -11.09 21.13 -42.65
C GLN B 168 -12.00 19.92 -42.64
N VAL B 169 -13.02 19.97 -43.47
CA VAL B 169 -13.99 18.88 -43.58
C VAL B 169 -13.29 17.69 -44.25
N PRO B 170 -13.25 16.52 -43.58
CA PRO B 170 -12.60 15.39 -44.25
C PRO B 170 -13.54 14.89 -45.36
N PRO B 171 -13.02 14.76 -46.58
CA PRO B 171 -13.88 14.41 -47.71
C PRO B 171 -14.41 12.96 -47.69
N THR B 172 -13.68 12.06 -47.01
CA THR B 172 -14.05 10.65 -46.97
C THR B 172 -13.87 10.09 -45.56
N GLU B 173 -14.46 8.93 -45.32
CA GLU B 173 -14.28 8.19 -44.06
C GLU B 173 -12.84 7.71 -43.85
N ASP B 174 -12.14 7.41 -44.94
CA ASP B 174 -10.72 7.07 -44.89
C ASP B 174 -9.89 8.18 -44.28
N VAL B 175 -10.16 9.41 -44.69
CA VAL B 175 -9.52 10.59 -44.11
C VAL B 175 -9.88 10.79 -42.61
N ALA B 176 -11.15 10.61 -42.27
CA ALA B 176 -11.58 10.63 -40.85
C ALA B 176 -10.84 9.58 -40.00
N ARG B 177 -10.78 8.35 -40.53
CA ARG B 177 -10.15 7.24 -39.84
C ARG B 177 -8.63 7.42 -39.71
N GLY B 178 -8.01 7.89 -40.79
CA GLY B 178 -6.60 8.28 -40.78
C GLY B 178 -6.27 9.32 -39.72
N CYS B 179 -7.27 10.19 -39.39
CA CYS B 179 -7.19 11.12 -38.23
C CYS B 179 -7.50 10.47 -36.86
N LEU B 180 -7.71 9.15 -36.85
CA LEU B 180 -8.04 8.37 -35.65
C LEU B 180 -9.45 8.67 -35.10
N ALA B 181 -10.33 9.25 -35.92
CA ALA B 181 -11.76 9.30 -35.63
C ALA B 181 -12.43 8.03 -36.16
N ASN B 182 -13.49 7.63 -35.48
CA ASN B 182 -14.33 6.53 -35.98
C ASN B 182 -15.07 6.92 -37.25
N SER B 183 -15.56 8.15 -37.27
CA SER B 183 -16.40 8.67 -38.34
C SER B 183 -16.24 10.20 -38.49
N THR B 184 -16.64 10.71 -39.65
CA THR B 184 -16.63 12.17 -39.92
C THR B 184 -17.51 12.96 -38.93
N SER B 185 -18.57 12.35 -38.42
CA SER B 185 -19.45 13.00 -37.45
C SER B 185 -18.92 13.08 -36.01
N ASP B 186 -17.79 12.42 -35.70
CA ASP B 186 -17.17 12.50 -34.33
C ASP B 186 -16.83 13.92 -33.86
N PHE B 187 -16.41 14.76 -34.78
CA PHE B 187 -15.99 16.11 -34.42
C PHE B 187 -16.81 17.12 -35.20
N LEU B 188 -16.72 18.37 -34.76
CA LEU B 188 -17.41 19.47 -35.38
C LEU B 188 -16.41 20.43 -35.98
N LEU B 190 -14.99 24.25 -36.36
CA LEU B 190 -14.80 25.22 -35.30
C LEU B 190 -16.03 26.09 -34.97
N PRO B 191 -16.61 26.77 -35.97
CA PRO B 191 -17.82 27.55 -35.66
C PRO B 191 -18.98 26.72 -35.07
N GLU B 192 -19.13 25.49 -35.54
CA GLU B 192 -20.21 24.62 -35.06
C GLU B 192 -19.96 24.20 -33.61
N LEU B 193 -18.69 23.97 -33.27
CA LEU B 193 -18.33 23.67 -31.88
C LEU B 193 -18.63 24.86 -30.96
N LEU B 194 -18.23 26.06 -31.40
CA LEU B 194 -18.49 27.26 -30.63
C LEU B 194 -19.98 27.49 -30.40
N ALA B 195 -20.76 27.29 -31.45
CA ALA B 195 -22.21 27.38 -31.34
C ALA B 195 -22.80 26.36 -30.37
N SER B 196 -22.22 25.16 -30.37
CA SER B 196 -22.71 24.09 -29.48
C SER B 196 -22.57 24.49 -28.01
N PHE B 197 -21.53 25.25 -27.69
CA PHE B 197 -21.33 25.73 -26.31
C PHE B 197 -22.46 26.68 -25.91
N GLY B 198 -22.82 27.56 -26.84
CA GLY B 198 -23.96 28.45 -26.69
C GLY B 198 -25.27 27.71 -26.50
N ARG B 199 -25.49 26.67 -27.28
CA ARG B 199 -26.70 25.83 -27.17
C ARG B 199 -26.83 25.18 -25.79
N LEU B 200 -25.71 24.85 -25.17
CA LEU B 200 -25.73 24.28 -23.82
C LEU B 200 -25.94 25.29 -22.70
N GLY B 201 -25.93 26.57 -23.03
CA GLY B 201 -26.13 27.65 -22.05
C GLY B 201 -24.87 28.33 -21.54
N TYR B 202 -23.77 28.27 -22.32
CA TYR B 202 -22.49 28.85 -21.95
C TYR B 202 -22.02 29.94 -22.92
N ASP B 203 -21.44 31.00 -22.38
CA ASP B 203 -20.69 31.95 -23.19
C ASP B 203 -19.29 31.42 -23.39
N VAL B 204 -18.77 31.52 -24.61
CA VAL B 204 -17.36 31.31 -24.85
C VAL B 204 -16.67 32.62 -24.52
N VAL B 205 -15.81 32.62 -23.49
CA VAL B 205 -15.15 33.84 -23.04
C VAL B 205 -13.66 33.96 -23.39
N GLU B 206 -13.05 32.85 -23.81
CA GLU B 206 -11.69 32.86 -24.32
C GLU B 206 -11.40 31.54 -25.03
N VAL B 208 -7.77 29.29 -26.82
CA VAL B 208 -6.47 29.13 -27.40
C VAL B 208 -6.50 27.84 -28.23
N LEU B 209 -6.21 27.97 -29.52
CA LEU B 209 -6.26 26.85 -30.44
C LEU B 209 -4.87 26.43 -30.84
N ALA B 210 -4.70 25.13 -30.98
CA ALA B 210 -3.43 24.58 -31.52
C ALA B 210 -3.18 25.05 -32.94
N ASP B 211 -1.91 25.12 -33.32
CA ASP B 211 -1.56 25.22 -34.74
C ASP B 211 -0.79 23.98 -35.12
N GLN B 212 -0.35 23.91 -36.37
CA GLN B 212 0.28 22.69 -36.86
C GLN B 212 1.63 22.40 -36.17
N ASP B 213 2.33 23.46 -35.76
CA ASP B 213 3.57 23.32 -34.99
C ASP B 213 3.33 22.66 -33.63
N GLY B 214 2.18 22.93 -33.01
CA GLY B 214 1.80 22.28 -31.75
C GLY B 214 1.51 20.80 -31.93
N TRP B 215 0.80 20.46 -32.98
CA TRP B 215 0.62 19.08 -33.36
C TRP B 215 1.96 18.39 -33.62
N ASP B 216 2.86 19.05 -34.33
CA ASP B 216 4.19 18.51 -34.57
C ASP B 216 4.93 18.19 -33.26
N ARG B 217 4.89 19.10 -32.29
CA ARG B 217 5.49 18.82 -30.97
C ARG B 217 4.88 17.60 -30.31
N TYR B 218 3.56 17.55 -30.29
CA TYR B 218 2.86 16.46 -29.62
C TYR B 218 3.19 15.12 -30.29
N GLU B 219 3.11 15.07 -31.62
CA GLU B 219 3.32 13.81 -32.34
C GLU B 219 4.80 13.45 -32.50
N ALA B 220 5.60 14.37 -33.02
CA ALA B 220 7.00 14.04 -33.38
C ALA B 220 7.88 13.64 -32.19
N ALA B 221 7.61 14.23 -31.02
CA ALA B 221 8.35 13.84 -29.82
C ALA B 221 8.13 12.37 -29.43
N LYS B 222 6.96 11.82 -29.77
CA LYS B 222 6.68 10.41 -29.51
C LYS B 222 7.67 9.51 -30.23
N TRP B 223 8.06 9.92 -31.43
CA TRP B 223 8.86 9.05 -32.31
C TRP B 223 10.26 8.84 -31.72
N LEU B 224 10.88 9.91 -31.24
CA LEU B 224 12.15 9.77 -30.54
C LEU B 224 12.03 8.89 -29.27
N THR B 225 11.01 9.16 -28.47
CA THR B 225 10.76 8.38 -27.26
C THR B 225 10.61 6.89 -27.59
N ARG B 227 11.67 5.31 -30.25
CA ARG B 227 12.91 4.72 -30.78
C ARG B 227 13.86 4.32 -29.65
N ARG B 228 14.00 5.20 -28.67
CA ARG B 228 14.85 4.93 -27.51
C ARG B 228 14.32 3.80 -26.66
N TRP B 229 13.01 3.79 -26.47
CA TRP B 229 12.36 2.71 -25.75
C TRP B 229 12.58 1.33 -26.43
N LEU B 230 12.51 1.30 -27.75
CA LEU B 230 12.75 0.05 -28.53
C LEU B 230 14.17 -0.46 -28.36
N GLU B 231 15.11 0.48 -28.42
CA GLU B 231 16.53 0.24 -28.17
C GLU B 231 16.74 -0.38 -26.77
N ALA B 232 16.07 0.16 -25.76
CA ALA B 232 16.23 -0.33 -24.39
C ALA B 232 15.40 -1.57 -24.03
N ASN B 233 14.43 -1.94 -24.88
CA ASN B 233 13.51 -3.06 -24.57
C ASN B 233 13.22 -3.95 -25.79
N PRO B 234 14.26 -4.50 -26.44
CA PRO B 234 14.01 -5.25 -27.68
C PRO B 234 13.09 -6.46 -27.53
N ASP B 235 13.06 -7.08 -26.34
CA ASP B 235 12.28 -8.30 -26.11
C ASP B 235 10.94 -8.13 -25.39
N ASP B 236 10.48 -6.89 -25.21
CA ASP B 236 9.19 -6.63 -24.59
C ASP B 236 8.05 -7.06 -25.53
N GLU B 237 6.94 -7.51 -24.94
CA GLU B 237 5.77 -7.95 -25.72
C GLU B 237 5.28 -6.85 -26.68
N LEU B 238 5.34 -5.60 -26.26
CA LEU B 238 4.87 -4.48 -27.09
C LEU B 238 5.86 -3.97 -28.12
N ALA B 239 7.09 -4.47 -28.13
CA ALA B 239 8.14 -4.01 -29.07
C ALA B 239 7.69 -4.07 -30.53
N LYS B 240 6.99 -5.14 -30.91
CA LYS B 240 6.49 -5.29 -32.29
C LYS B 240 5.49 -4.20 -32.67
N GLU B 241 4.53 -3.94 -31.79
CA GLU B 241 3.52 -2.93 -32.02
C GLU B 241 4.13 -1.53 -32.04
N VAL B 242 5.07 -1.26 -31.12
CA VAL B 242 5.75 0.03 -31.08
C VAL B 242 6.55 0.27 -32.36
N ARG B 243 7.28 -0.75 -32.79
CA ARG B 243 8.05 -0.71 -34.02
C ARG B 243 7.14 -0.37 -35.22
N ALA B 244 6.01 -1.03 -35.33
CA ALA B 244 5.07 -0.81 -36.44
C ALA B 244 4.52 0.59 -36.43
N GLN B 245 4.17 1.06 -35.24
CA GLN B 245 3.69 2.42 -35.09
C GLN B 245 4.76 3.46 -35.41
N LEU B 246 5.98 3.25 -34.97
CA LEU B 246 7.10 4.16 -35.31
C LEU B 246 7.28 4.27 -36.83
N THR B 247 7.12 3.16 -37.54
CA THR B 247 7.24 3.14 -38.97
C THR B 247 6.14 3.93 -39.67
N SER B 248 4.90 3.74 -39.25
CA SER B 248 3.74 4.22 -40.00
C SER B 248 3.25 5.60 -39.57
N GLU B 249 3.52 5.97 -38.32
CA GLU B 249 2.97 7.19 -37.74
C GLU B 249 3.34 8.49 -38.46
N PRO B 250 4.61 8.67 -38.86
CA PRO B 250 4.93 9.93 -39.52
C PRO B 250 4.09 10.22 -40.78
N GLY B 251 3.95 9.20 -41.63
CA GLY B 251 3.12 9.28 -42.83
C GLY B 251 1.64 9.49 -42.57
N ARG B 252 1.10 8.75 -41.61
CA ARG B 252 -0.29 8.90 -41.25
C ARG B 252 -0.56 10.31 -40.72
N TYR B 253 0.26 10.73 -39.77
CA TYR B 253 0.16 12.05 -39.18
C TYR B 253 0.15 13.15 -40.27
N ALA B 254 1.16 13.13 -41.13
CA ALA B 254 1.31 14.17 -42.14
C ALA B 254 0.19 14.17 -43.19
N SER B 255 -0.27 12.98 -43.55
CA SER B 255 -1.31 12.83 -44.56
C SER B 255 -2.69 13.21 -44.05
N TYR B 256 -2.96 12.94 -42.78
CA TYR B 256 -4.30 13.09 -42.26
C TYR B 256 -4.43 14.13 -41.15
N THR B 257 -3.90 13.83 -39.96
CA THR B 257 -4.10 14.69 -38.78
C THR B 257 -3.66 16.11 -39.05
N ARG B 258 -2.44 16.28 -39.57
CA ARG B 258 -1.84 17.60 -39.65
C ARG B 258 -2.68 18.56 -40.48
N GLU B 259 -3.25 18.06 -41.57
CA GLU B 259 -4.07 18.88 -42.45
C GLU B 259 -5.54 19.05 -42.00
N TYR B 260 -6.12 18.03 -41.38
CA TYR B 260 -7.57 17.97 -41.16
C TYR B 260 -8.05 18.21 -39.73
N LEU B 261 -7.23 17.84 -38.75
CA LEU B 261 -7.65 17.86 -37.37
C LEU B 261 -7.12 19.08 -36.60
N GLY B 262 -8.05 19.87 -36.10
CA GLY B 262 -7.73 20.94 -35.16
C GLY B 262 -7.88 20.48 -33.71
N TRP B 263 -7.40 21.32 -32.81
CA TRP B 263 -7.56 21.07 -31.37
C TRP B 263 -7.51 22.40 -30.65
N GLY B 264 -8.31 22.53 -29.59
CA GLY B 264 -8.31 23.77 -28.83
C GLY B 264 -8.81 23.66 -27.41
N VAL B 265 -8.49 24.70 -26.63
CA VAL B 265 -9.00 24.87 -25.28
C VAL B 265 -9.93 26.08 -25.27
N PHE B 266 -11.12 25.85 -24.75
CA PHE B 266 -12.22 26.78 -24.82
C PHE B 266 -12.62 27.14 -23.39
N ALA B 267 -12.64 28.44 -23.11
CA ALA B 267 -13.03 28.94 -21.79
C ALA B 267 -14.51 29.33 -21.81
N LEU B 268 -15.27 28.77 -20.87
CA LEU B 268 -16.72 28.89 -20.83
C LEU B 268 -17.21 29.43 -19.51
N PRO B 270 -21.15 29.97 -17.56
CA PRO B 270 -22.59 29.77 -17.74
C PRO B 270 -23.33 31.11 -17.84
N ARG B 271 -24.32 31.19 -18.73
CA ARG B 271 -25.21 32.33 -18.78
C ARG B 271 -26.10 32.35 -17.54
N LEU C 24 2.79 -6.93 4.20
CA LEU C 24 1.52 -7.62 4.49
C LEU C 24 0.51 -6.71 5.20
N ASP C 25 -0.65 -6.54 4.60
CA ASP C 25 -1.68 -5.68 5.13
C ASP C 25 -3.00 -5.92 4.40
N ILE C 26 -4.09 -5.59 5.07
CA ILE C 26 -5.42 -5.63 4.45
C ILE C 26 -5.58 -4.42 3.52
N PRO C 27 -6.58 -4.45 2.62
CA PRO C 27 -6.82 -3.27 1.78
C PRO C 27 -7.15 -2.01 2.61
N ARG C 28 -6.68 -0.86 2.14
CA ARG C 28 -6.79 0.38 2.92
C ARG C 28 -8.20 0.77 3.30
N ILE C 29 -9.16 0.48 2.43
CA ILE C 29 -10.56 0.81 2.70
C ILE C 29 -11.03 0.23 4.04
N PHE C 30 -10.65 -1.01 4.34
CA PHE C 30 -11.01 -1.67 5.60
C PHE C 30 -10.38 -0.96 6.80
N THR C 31 -9.11 -0.62 6.64
CA THR C 31 -8.38 0.14 7.64
C THR C 31 -9.05 1.50 7.93
N ILE C 32 -9.39 2.20 6.88
CA ILE C 32 -10.03 3.51 6.98
C ILE C 32 -11.39 3.45 7.67
N THR C 33 -12.23 2.53 7.23
CA THR C 33 -13.58 2.47 7.74
C THR C 33 -13.69 1.88 9.15
N GLU C 34 -12.78 0.98 9.51
CA GLU C 34 -12.85 0.25 10.78
C GLU C 34 -11.78 0.63 11.80
N SER C 35 -11.08 1.73 11.61
CA SER C 35 -10.02 2.15 12.56
C SER C 35 -10.52 2.43 13.98
N ALA C 36 -11.79 2.80 14.13
CA ALA C 36 -12.37 3.10 15.45
C ALA C 36 -13.19 1.92 16.00
N HIS C 37 -13.12 0.75 15.37
CA HIS C 37 -13.83 -0.44 15.84
C HIS C 37 -12.98 -1.24 16.81
N ARG C 38 -13.50 -1.52 17.99
CA ARG C 38 -12.91 -2.55 18.84
C ARG C 38 -13.24 -3.95 18.34
N ILE C 39 -14.46 -4.12 17.84
CA ILE C 39 -14.96 -5.40 17.36
C ILE C 39 -15.29 -5.25 15.88
N HIS C 40 -14.65 -6.07 15.04
CA HIS C 40 -14.83 -6.01 13.60
C HIS C 40 -15.84 -7.05 13.12
N ASN C 41 -17.00 -7.03 13.74
CA ASN C 41 -18.06 -8.00 13.52
C ASN C 41 -19.35 -7.42 14.04
N PRO C 42 -20.49 -7.95 13.56
CA PRO C 42 -21.78 -7.44 14.00
C PRO C 42 -22.25 -7.98 15.35
N ILE C 43 -21.35 -8.11 16.31
CA ILE C 43 -21.81 -8.38 17.68
C ILE C 43 -21.38 -7.26 18.62
N THR C 44 -22.25 -6.99 19.60
CA THR C 44 -22.02 -5.94 20.58
C THR C 44 -20.98 -6.38 21.61
N PRO C 45 -20.40 -5.41 22.34
CA PRO C 45 -19.54 -5.73 23.48
C PRO C 45 -20.25 -6.60 24.52
N GLU C 46 -21.52 -6.33 24.76
CA GLU C 46 -22.28 -7.10 25.71
C GLU C 46 -22.40 -8.56 25.26
N LYS C 47 -22.65 -8.76 23.95
CA LYS C 47 -22.66 -10.11 23.37
C LYS C 47 -21.30 -10.81 23.47
N LEU C 48 -20.22 -10.08 23.27
CA LEU C 48 -18.87 -10.66 23.40
C LEU C 48 -18.58 -11.13 24.83
N THR C 49 -19.03 -10.35 25.81
CA THR C 49 -19.00 -10.70 27.23
C THR C 49 -19.84 -11.91 27.53
N THR C 50 -21.07 -11.93 27.02
CA THR C 50 -21.96 -13.10 27.15
C THR C 50 -21.30 -14.37 26.61
N LEU C 51 -20.69 -14.27 25.44
CA LEU C 51 -19.97 -15.39 24.86
C LEU C 51 -18.86 -15.94 25.78
N GLY C 52 -18.00 -15.04 26.27
CA GLY C 52 -16.91 -15.43 27.18
C GLY C 52 -17.41 -16.19 28.41
N ALA C 53 -18.48 -15.68 29.03
CA ALA C 53 -19.10 -16.33 30.19
C ALA C 53 -19.73 -17.66 29.86
N ALA C 54 -20.35 -17.74 28.68
CA ALA C 54 -21.02 -18.96 28.22
C ALA C 54 -20.07 -20.14 28.03
N LEU C 55 -18.83 -19.84 27.66
CA LEU C 55 -17.81 -20.87 27.46
C LEU C 55 -17.27 -21.48 28.76
N ARG C 56 -17.55 -20.87 29.91
CA ARG C 56 -17.18 -21.41 31.22
C ARG C 56 -15.70 -21.76 31.28
N LEU C 57 -14.90 -20.77 30.95
CA LEU C 57 -13.47 -20.92 30.84
C LEU C 57 -12.75 -20.82 32.20
N GLU C 58 -11.95 -21.82 32.50
CA GLU C 58 -11.12 -21.84 33.69
C GLU C 58 -9.88 -20.86 33.51
N PRO C 59 -9.40 -20.20 34.60
CA PRO C 59 -8.19 -19.34 34.44
C PRO C 59 -6.98 -20.12 33.91
N GLY C 60 -6.20 -19.48 33.05
CA GLY C 60 -5.04 -20.09 32.44
C GLY C 60 -5.37 -20.89 31.18
N THR C 61 -6.62 -20.99 30.78
CA THR C 61 -7.01 -21.67 29.52
C THR C 61 -6.34 -20.91 28.40
N ARG C 62 -5.75 -21.62 27.46
CA ARG C 62 -5.09 -21.00 26.33
C ARG C 62 -6.08 -20.81 25.17
N VAL C 63 -6.13 -19.60 24.63
CA VAL C 63 -6.99 -19.26 23.48
C VAL C 63 -6.13 -18.85 22.29
N LEU C 64 -6.29 -19.57 21.18
CA LEU C 64 -5.72 -19.15 19.90
C LEU C 64 -6.82 -18.52 19.07
N ASP C 65 -6.55 -17.33 18.53
CA ASP C 65 -7.51 -16.58 17.74
C ASP C 65 -6.90 -16.22 16.39
N LEU C 66 -7.42 -16.81 15.33
CA LEU C 66 -6.96 -16.52 13.98
C LEU C 66 -7.85 -15.47 13.34
N GLY C 67 -7.22 -14.40 12.85
CA GLY C 67 -7.92 -13.20 12.39
C GLY C 67 -8.50 -12.42 13.57
N SER C 68 -7.61 -12.06 14.50
CA SER C 68 -8.01 -11.58 15.84
C SER C 68 -8.41 -10.10 15.91
N GLY C 69 -8.28 -9.39 14.77
CA GLY C 69 -8.75 -8.03 14.67
C GLY C 69 -7.95 -7.08 15.51
N SER C 70 -8.67 -6.26 16.28
CA SER C 70 -8.05 -5.37 17.26
C SER C 70 -7.97 -6.01 18.66
N GLY C 71 -8.01 -7.33 18.71
CA GLY C 71 -7.73 -8.08 19.94
C GLY C 71 -8.77 -8.02 21.02
N GLU C 72 -9.97 -7.50 20.74
CA GLU C 72 -10.94 -7.26 21.82
C GLU C 72 -11.34 -8.52 22.59
N LEU C 74 -9.64 -11.47 22.95
CA LEU C 74 -8.55 -11.95 23.78
C LEU C 74 -8.29 -11.04 24.99
N CYS C 75 -8.28 -9.72 24.76
CA CYS C 75 -8.00 -8.80 25.81
C CYS C 75 -9.08 -8.83 26.89
N THR C 76 -10.34 -8.70 26.49
CA THR C 76 -11.43 -8.64 27.48
C THR C 76 -11.57 -9.98 28.25
N TRP C 77 -11.37 -11.09 27.56
CA TRP C 77 -11.45 -12.40 28.21
C TRP C 77 -10.23 -12.68 29.10
N ALA C 78 -9.06 -12.17 28.72
CA ALA C 78 -7.89 -12.20 29.63
C ALA C 78 -8.19 -11.43 30.92
N ARG C 79 -8.79 -10.25 30.77
CA ARG C 79 -9.21 -9.46 31.93
C ARG C 79 -10.25 -10.18 32.78
N ASP C 80 -11.32 -10.68 32.15
CA ASP C 80 -12.50 -11.17 32.87
C ASP C 80 -12.43 -12.65 33.25
N HIS C 81 -11.67 -13.44 32.52
CA HIS C 81 -11.59 -14.89 32.76
C HIS C 81 -10.18 -15.42 33.08
N GLY C 82 -9.16 -14.58 32.95
CA GLY C 82 -7.80 -14.99 33.22
C GLY C 82 -7.25 -15.96 32.19
N ILE C 83 -7.74 -15.86 30.96
CA ILE C 83 -7.18 -16.68 29.87
C ILE C 83 -5.83 -16.12 29.46
N ILE C 84 -5.06 -16.96 28.78
CA ILE C 84 -3.83 -16.53 28.09
C ILE C 84 -4.03 -16.88 26.62
N GLY C 85 -3.19 -16.32 25.75
CA GLY C 85 -3.27 -16.69 24.36
C GLY C 85 -2.59 -15.79 23.34
N THR C 86 -2.90 -16.10 22.08
CA THR C 86 -2.25 -15.55 20.92
C THR C 86 -3.27 -15.19 19.86
N GLY C 87 -3.17 -13.98 19.33
CA GLY C 87 -4.02 -13.53 18.25
C GLY C 87 -3.18 -13.20 17.03
N ILE C 88 -3.56 -13.74 15.87
CA ILE C 88 -2.85 -13.47 14.63
C ILE C 88 -3.74 -12.72 13.67
N ASP C 89 -3.23 -11.61 13.15
CA ASP C 89 -4.00 -10.76 12.28
C ASP C 89 -3.14 -10.09 11.22
N SER C 91 -3.72 -7.30 9.56
CA SER C 91 -3.71 -5.83 9.61
C SER C 91 -2.62 -5.30 10.51
N GLN C 92 -1.79 -4.43 9.96
CA GLN C 92 -0.75 -3.74 10.73
C GLN C 92 -1.39 -2.86 11.80
N LEU C 93 -2.40 -2.07 11.39
CA LEU C 93 -3.07 -1.17 12.31
C LEU C 93 -3.78 -1.92 13.46
N PHE C 94 -4.60 -2.90 13.11
CA PHE C 94 -5.41 -3.60 14.12
C PHE C 94 -4.52 -4.38 15.12
N THR C 95 -3.40 -4.91 14.63
CA THR C 95 -2.40 -5.54 15.50
C THR C 95 -1.84 -4.53 16.51
N ALA C 96 -1.41 -3.37 16.04
CA ALA C 96 -0.90 -2.32 16.94
C ALA C 96 -1.96 -1.93 17.99
N GLN C 97 -3.20 -1.81 17.52
CA GLN C 97 -4.32 -1.50 18.41
C GLN C 97 -4.53 -2.56 19.48
N ALA C 98 -4.36 -3.82 19.08
CA ALA C 98 -4.53 -4.95 19.98
C ALA C 98 -3.50 -4.88 21.12
N LYS C 99 -2.25 -4.65 20.76
CA LYS C 99 -1.17 -4.46 21.74
C LYS C 99 -1.46 -3.32 22.72
N LEU C 100 -1.88 -2.17 22.20
CA LEU C 100 -2.31 -1.05 23.05
C LEU C 100 -3.45 -1.41 23.98
N ARG C 101 -4.42 -2.12 23.45
CA ARG C 101 -5.57 -2.55 24.23
C ARG C 101 -5.15 -3.44 25.40
N ALA C 102 -4.25 -4.38 25.13
CA ALA C 102 -3.72 -5.28 26.16
C ALA C 102 -3.07 -4.50 27.30
N GLU C 103 -2.28 -3.48 26.94
CA GLU C 103 -1.63 -2.61 27.93
C GLU C 103 -2.67 -1.82 28.70
N GLU C 104 -3.58 -1.19 27.97
CA GLU C 104 -4.66 -0.45 28.58
C GLU C 104 -5.43 -1.24 29.65
N LEU C 105 -5.66 -2.52 29.40
CA LEU C 105 -6.40 -3.36 30.34
C LEU C 105 -5.55 -4.16 31.31
N GLY C 106 -4.24 -3.97 31.30
CA GLY C 106 -3.34 -4.67 32.22
C GLY C 106 -3.16 -6.15 31.94
N VAL C 107 -3.30 -6.57 30.68
CA VAL C 107 -3.17 -7.98 30.32
C VAL C 107 -2.12 -8.26 29.23
N ALA C 108 -1.17 -7.35 29.08
CA ALA C 108 -0.09 -7.51 28.08
C ALA C 108 0.81 -8.74 28.34
N ASP C 109 0.94 -9.15 29.60
CA ASP C 109 1.68 -10.37 29.93
C ASP C 109 0.86 -11.67 29.76
N ARG C 110 -0.43 -11.55 29.47
CA ARG C 110 -1.30 -12.71 29.27
C ARG C 110 -1.61 -13.04 27.80
N VAL C 111 -1.72 -12.02 26.94
CA VAL C 111 -2.06 -12.22 25.54
C VAL C 111 -1.04 -11.56 24.63
N THR C 112 -0.70 -12.24 23.53
CA THR C 112 0.29 -11.82 22.56
C THR C 112 -0.37 -11.65 21.21
N PHE C 113 0.10 -10.67 20.44
CA PHE C 113 -0.46 -10.36 19.13
C PHE C 113 0.62 -10.33 18.07
N ILE C 114 0.43 -11.12 17.02
CA ILE C 114 1.41 -11.27 15.94
C ILE C 114 0.80 -10.73 14.68
N HIS C 115 1.55 -9.89 13.98
CA HIS C 115 1.11 -9.41 12.70
C HIS C 115 1.49 -10.43 11.63
N GLY C 116 0.48 -11.04 11.03
CA GLY C 116 0.74 -12.10 10.05
C GLY C 116 -0.46 -12.66 9.34
N ASP C 117 -0.18 -13.44 8.31
CA ASP C 117 -1.17 -14.24 7.61
C ASP C 117 -1.40 -15.53 8.43
N ALA C 118 -2.65 -15.77 8.83
CA ALA C 118 -2.99 -16.93 9.63
C ALA C 118 -3.27 -18.19 8.80
N SER C 119 -3.17 -18.09 7.46
CA SER C 119 -3.35 -19.24 6.58
C SER C 119 -2.35 -20.30 6.93
N GLY C 120 -2.86 -21.49 7.22
CA GLY C 120 -2.01 -22.62 7.62
C GLY C 120 -1.31 -22.50 8.96
N TYR C 121 -1.76 -21.58 9.79
CA TYR C 121 -1.17 -21.43 11.10
C TYR C 121 -1.62 -22.53 12.07
N VAL C 122 -0.63 -23.23 12.61
CA VAL C 122 -0.86 -24.27 13.61
C VAL C 122 0.04 -23.97 14.81
N SER C 123 -0.56 -23.93 15.98
CA SER C 123 0.17 -23.69 17.21
C SER C 123 0.77 -24.96 17.77
N ASP C 124 2.03 -24.89 18.20
CA ASP C 124 2.68 -26.01 18.91
C ASP C 124 2.13 -26.17 20.32
N ASP C 125 1.82 -25.04 20.94
CA ASP C 125 1.12 -25.04 22.22
C ASP C 125 -0.35 -25.16 21.93
N LYS C 126 -0.91 -26.34 22.20
CA LYS C 126 -2.30 -26.61 21.87
C LYS C 126 -3.23 -25.78 22.76
N ALA C 127 -4.34 -25.35 22.17
CA ALA C 127 -5.24 -24.41 22.80
C ALA C 127 -6.52 -25.11 23.28
N GLY C 128 -6.99 -24.72 24.46
CA GLY C 128 -8.30 -25.13 24.96
C GLY C 128 -9.45 -24.49 24.20
N VAL C 129 -9.21 -23.33 23.60
CA VAL C 129 -10.13 -22.71 22.66
C VAL C 129 -9.34 -22.30 21.41
N ALA C 130 -9.78 -22.76 20.24
CA ALA C 130 -9.18 -22.43 18.94
C ALA C 130 -10.24 -21.74 18.08
N ALA C 131 -10.02 -20.47 17.76
CA ALA C 131 -11.06 -19.60 17.25
C ALA C 131 -10.73 -18.95 15.92
N CYS C 132 -11.74 -18.85 15.07
CA CYS C 132 -11.70 -18.00 13.89
C CYS C 132 -13.06 -17.35 13.76
N VAL C 133 -13.12 -16.09 14.23
CA VAL C 133 -14.38 -15.36 14.40
C VAL C 133 -14.53 -14.32 13.27
N GLY C 134 -15.16 -14.74 12.18
CA GLY C 134 -15.45 -13.85 11.06
C GLY C 134 -14.41 -13.80 9.97
N ALA C 135 -13.53 -14.80 9.89
CA ALA C 135 -12.51 -14.82 8.86
C ALA C 135 -12.28 -16.23 8.32
N THR C 136 -13.38 -16.92 7.98
CA THR C 136 -13.29 -18.32 7.56
C THR C 136 -12.71 -18.57 6.16
N TRP C 137 -12.48 -17.53 5.39
CA TRP C 137 -11.67 -17.65 4.18
C TRP C 137 -10.24 -18.10 4.49
N ILE C 138 -9.75 -17.81 5.70
CA ILE C 138 -8.42 -18.22 6.15
C ILE C 138 -8.14 -19.72 5.90
N GLY C 139 -9.15 -20.55 6.16
CA GLY C 139 -9.08 -21.98 5.85
C GLY C 139 -9.81 -22.43 4.60
N GLY C 140 -10.13 -21.50 3.70
CA GLY C 140 -10.90 -21.80 2.50
C GLY C 140 -12.36 -22.14 2.78
N GLY C 141 -12.96 -21.56 3.81
CA GLY C 141 -14.35 -21.84 4.16
C GLY C 141 -14.47 -22.52 5.52
N VAL C 142 -15.72 -22.80 5.88
CA VAL C 142 -16.06 -23.29 7.21
C VAL C 142 -15.34 -24.62 7.47
N ALA C 143 -15.51 -25.57 6.58
CA ALA C 143 -14.95 -26.93 6.81
C ALA C 143 -13.43 -26.90 6.93
N GLY C 144 -12.80 -26.19 6.01
CA GLY C 144 -11.36 -26.03 6.01
C GLY C 144 -10.84 -25.26 7.21
N THR C 145 -11.55 -24.21 7.63
CA THR C 145 -11.16 -23.48 8.84
C THR C 145 -11.28 -24.36 10.09
N ILE C 146 -12.35 -25.13 10.19
CA ILE C 146 -12.55 -26.04 11.32
C ILE C 146 -11.40 -27.06 11.37
N GLU C 147 -11.08 -27.63 10.22
CA GLU C 147 -9.95 -28.54 10.07
C GLU C 147 -8.62 -27.92 10.52
N LEU C 148 -8.38 -26.67 10.13
CA LEU C 148 -7.16 -25.98 10.54
C LEU C 148 -7.06 -25.77 12.05
N LEU C 149 -8.15 -25.25 12.62
CA LEU C 149 -8.24 -25.02 14.04
C LEU C 149 -8.10 -26.31 14.82
N ALA C 150 -8.68 -27.40 14.29
CA ALA C 150 -8.60 -28.70 14.97
C ALA C 150 -7.15 -29.13 15.19
N ARG C 151 -6.24 -28.76 14.29
CA ARG C 151 -4.82 -29.11 14.43
C ARG C 151 -4.12 -28.41 15.59
N SER C 152 -4.71 -27.31 16.10
CA SER C 152 -4.18 -26.61 17.26
C SER C 152 -4.96 -26.89 18.53
N LEU C 153 -5.95 -27.79 18.48
CA LEU C 153 -6.89 -27.93 19.60
C LEU C 153 -6.39 -28.95 20.57
N ARG C 154 -6.32 -28.62 21.85
CA ARG C 154 -5.93 -29.63 22.81
C ARG C 154 -7.13 -30.54 23.05
N PRO C 155 -6.87 -31.83 23.36
CA PRO C 155 -7.97 -32.74 23.71
C PRO C 155 -8.98 -32.12 24.70
N GLY C 156 -10.26 -32.23 24.38
CA GLY C 156 -11.30 -31.65 25.22
C GLY C 156 -11.59 -30.17 24.98
N GLY C 157 -10.88 -29.55 24.05
CA GLY C 157 -11.05 -28.14 23.78
C GLY C 157 -12.27 -27.78 22.96
N ILE C 158 -12.42 -26.49 22.70
CA ILE C 158 -13.54 -25.95 21.95
C ILE C 158 -13.05 -25.22 20.72
N ILE C 159 -13.74 -25.40 19.61
CA ILE C 159 -13.52 -24.59 18.40
C ILE C 159 -14.61 -23.51 18.30
N LEU C 160 -14.19 -22.28 18.00
CA LEU C 160 -15.13 -21.20 17.75
C LEU C 160 -15.07 -20.82 16.29
N ILE C 161 -16.25 -20.76 15.67
CA ILE C 161 -16.41 -20.31 14.30
C ILE C 161 -17.45 -19.17 14.25
N GLY C 162 -17.04 -18.04 13.71
CA GLY C 162 -17.90 -16.92 13.47
C GLY C 162 -18.18 -16.85 11.98
N GLU C 163 -19.44 -16.80 11.60
CA GLU C 163 -19.82 -16.97 10.17
C GLU C 163 -21.20 -16.36 9.89
N PRO C 164 -21.39 -15.75 8.68
CA PRO C 164 -22.73 -15.29 8.34
C PRO C 164 -23.67 -16.43 7.96
N TYR C 165 -24.96 -16.15 8.01
CA TYR C 165 -25.98 -17.08 7.58
C TYR C 165 -27.16 -16.26 7.07
N TRP C 166 -28.01 -16.86 6.25
CA TRP C 166 -29.23 -16.20 5.79
C TRP C 166 -30.26 -16.19 6.93
N ARG C 167 -30.54 -14.99 7.40
CA ARG C 167 -31.61 -14.72 8.36
C ARG C 167 -32.96 -14.99 7.70
N GLN C 168 -33.06 -14.57 6.45
CA GLN C 168 -34.16 -14.91 5.59
C GLN C 168 -33.62 -15.24 4.24
N VAL C 169 -34.37 -16.03 3.49
CA VAL C 169 -33.96 -16.46 2.16
C VAL C 169 -34.03 -15.24 1.26
N PRO C 170 -32.91 -14.84 0.65
CA PRO C 170 -33.02 -13.74 -0.31
C PRO C 170 -33.75 -14.22 -1.56
N PRO C 171 -34.81 -13.51 -1.97
CA PRO C 171 -35.62 -13.99 -3.08
C PRO C 171 -34.92 -13.95 -4.45
N THR C 172 -33.94 -13.07 -4.61
CA THR C 172 -33.26 -12.91 -5.89
C THR C 172 -31.75 -12.81 -5.66
N GLU C 173 -31.00 -12.96 -6.74
CA GLU C 173 -29.54 -12.70 -6.74
C GLU C 173 -29.19 -11.22 -6.46
N ASP C 174 -30.05 -10.31 -6.91
CA ASP C 174 -29.91 -8.86 -6.63
C ASP C 174 -29.92 -8.55 -5.12
N VAL C 175 -30.80 -9.23 -4.38
CA VAL C 175 -30.82 -9.16 -2.92
C VAL C 175 -29.56 -9.81 -2.28
N ALA C 176 -29.13 -10.96 -2.79
CA ALA C 176 -27.85 -11.58 -2.36
C ALA C 176 -26.66 -10.63 -2.54
N ARG C 177 -26.58 -10.02 -3.73
CA ARG C 177 -25.50 -9.08 -4.10
C ARG C 177 -25.51 -7.79 -3.28
N GLY C 178 -26.70 -7.22 -3.10
CA GLY C 178 -26.92 -6.12 -2.14
C GLY C 178 -26.44 -6.42 -0.71
N CYS C 179 -26.51 -7.70 -0.28
CA CYS C 179 -25.89 -8.19 0.99
C CYS C 179 -24.38 -8.43 0.91
N LEU C 180 -23.78 -8.10 -0.24
CA LEU C 180 -22.35 -8.30 -0.53
C LEU C 180 -21.93 -9.77 -0.64
N ALA C 181 -22.89 -10.67 -0.89
CA ALA C 181 -22.60 -12.05 -1.30
C ALA C 181 -22.48 -12.11 -2.83
N ASN C 182 -21.65 -13.02 -3.32
CA ASN C 182 -21.55 -13.30 -4.75
C ASN C 182 -22.84 -13.92 -5.28
N SER C 183 -23.38 -14.85 -4.48
CA SER C 183 -24.53 -15.64 -4.86
C SER C 183 -25.34 -16.05 -3.61
N THR C 184 -26.58 -16.46 -3.83
CA THR C 184 -27.44 -16.97 -2.75
C THR C 184 -26.86 -18.21 -2.06
N SER C 185 -26.09 -19.03 -2.79
CA SER C 185 -25.48 -20.24 -2.22
C SER C 185 -24.24 -19.98 -1.33
N ASP C 186 -23.74 -18.74 -1.25
CA ASP C 186 -22.59 -18.40 -0.37
C ASP C 186 -22.85 -18.71 1.09
N PHE C 187 -24.07 -18.51 1.54
CA PHE C 187 -24.43 -18.74 2.95
C PHE C 187 -25.57 -19.72 3.06
N LEU C 188 -25.76 -20.21 4.27
CA LEU C 188 -26.80 -21.18 4.58
C LEU C 188 -27.79 -20.56 5.51
N LEU C 190 -29.88 -20.73 9.02
CA LEU C 190 -29.37 -21.12 10.32
C LEU C 190 -29.40 -22.65 10.58
N PRO C 191 -30.58 -23.29 10.43
CA PRO C 191 -30.63 -24.73 10.73
C PRO C 191 -29.71 -25.55 9.82
N GLU C 192 -29.56 -25.12 8.56
CA GLU C 192 -28.69 -25.81 7.61
C GLU C 192 -27.22 -25.65 7.98
N LEU C 193 -26.86 -24.47 8.48
CA LEU C 193 -25.52 -24.27 9.00
C LEU C 193 -25.22 -25.15 10.21
N LEU C 194 -26.15 -25.20 11.15
CA LEU C 194 -25.99 -26.05 12.34
C LEU C 194 -25.82 -27.50 11.97
N ALA C 195 -26.64 -27.96 11.04
CA ALA C 195 -26.55 -29.32 10.53
C ALA C 195 -25.21 -29.61 9.85
N SER C 196 -24.68 -28.63 9.13
CA SER C 196 -23.39 -28.79 8.47
C SER C 196 -22.26 -29.05 9.47
N PHE C 197 -22.34 -28.47 10.66
CA PHE C 197 -21.35 -28.74 11.70
C PHE C 197 -21.39 -30.21 12.14
N GLY C 198 -22.61 -30.71 12.30
CA GLY C 198 -22.86 -32.11 12.65
C GLY C 198 -22.31 -33.04 11.59
N ARG C 199 -22.53 -32.72 10.32
CA ARG C 199 -22.01 -33.54 9.21
C ARG C 199 -20.48 -33.62 9.22
N LEU C 200 -19.82 -32.56 9.67
CA LEU C 200 -18.35 -32.57 9.77
C LEU C 200 -17.80 -33.31 11.00
N GLY C 201 -18.68 -33.74 11.89
CA GLY C 201 -18.29 -34.52 13.07
C GLY C 201 -18.20 -33.74 14.35
N TYR C 202 -18.87 -32.59 14.41
CA TYR C 202 -18.82 -31.71 15.59
C TYR C 202 -20.18 -31.53 16.24
N ASP C 203 -20.18 -31.51 17.58
CA ASP C 203 -21.35 -31.09 18.34
C ASP C 203 -21.33 -29.57 18.42
N VAL C 204 -22.49 -28.95 18.22
CA VAL C 204 -22.64 -27.54 18.56
C VAL C 204 -22.93 -27.49 20.07
N VAL C 205 -22.02 -26.91 20.83
CA VAL C 205 -22.13 -26.85 22.32
C VAL C 205 -22.52 -25.50 22.90
N GLU C 206 -22.44 -24.43 22.09
CA GLU C 206 -22.93 -23.13 22.47
C GLU C 206 -23.01 -22.26 21.24
N VAL C 208 -23.77 -17.82 20.19
CA VAL C 208 -24.22 -16.46 20.41
C VAL C 208 -24.41 -15.86 19.01
N LEU C 209 -25.63 -15.43 18.72
CA LEU C 209 -25.98 -14.88 17.42
C LEU C 209 -26.18 -13.40 17.50
N ALA C 210 -25.73 -12.72 16.45
CA ALA C 210 -25.96 -11.27 16.32
C ALA C 210 -27.45 -10.98 16.21
N ASP C 211 -27.85 -9.79 16.64
CA ASP C 211 -29.18 -9.28 16.28
C ASP C 211 -28.98 -8.04 15.43
N GLN C 212 -30.06 -7.43 15.01
CA GLN C 212 -29.96 -6.28 14.12
C GLN C 212 -29.23 -5.07 14.75
N ASP C 213 -29.35 -4.92 16.07
CA ASP C 213 -28.61 -3.89 16.81
C ASP C 213 -27.09 -4.07 16.73
N GLY C 214 -26.64 -5.33 16.72
CA GLY C 214 -25.22 -5.62 16.55
C GLY C 214 -24.72 -5.27 15.17
N TRP C 215 -25.51 -5.60 14.18
CA TRP C 215 -25.23 -5.15 12.81
C TRP C 215 -25.15 -3.63 12.72
N ASP C 216 -26.10 -2.95 13.36
CA ASP C 216 -26.10 -1.50 13.38
C ASP C 216 -24.78 -0.97 13.95
N ARG C 217 -24.31 -1.52 15.07
CA ARG C 217 -23.03 -1.10 15.65
C ARG C 217 -21.89 -1.28 14.68
N TYR C 218 -21.83 -2.44 14.07
CA TYR C 218 -20.76 -2.74 13.15
C TYR C 218 -20.79 -1.82 11.92
N GLU C 219 -21.95 -1.66 11.30
CA GLU C 219 -22.03 -0.86 10.06
C GLU C 219 -22.09 0.63 10.32
N ALA C 220 -22.98 1.08 11.19
CA ALA C 220 -23.17 2.54 11.40
C ALA C 220 -21.95 3.29 11.94
N ALA C 221 -21.16 2.65 12.79
CA ALA C 221 -19.93 3.24 13.29
C ALA C 221 -18.93 3.54 12.16
N LYS C 222 -18.98 2.77 11.08
CA LYS C 222 -18.13 3.04 9.91
C LYS C 222 -18.41 4.41 9.32
N TRP C 223 -19.68 4.82 9.33
CA TRP C 223 -20.08 6.04 8.64
C TRP C 223 -19.46 7.26 9.31
N LEU C 224 -19.51 7.30 10.64
CA LEU C 224 -18.89 8.40 11.38
C LEU C 224 -17.39 8.45 11.17
N THR C 225 -16.74 7.29 11.27
CA THR C 225 -15.31 7.17 11.00
C THR C 225 -14.97 7.69 9.60
N ARG C 227 -16.70 9.74 7.68
CA ARG C 227 -16.95 11.17 7.53
C ARG C 227 -15.80 12.00 8.12
N ARG C 228 -15.33 11.60 9.29
CA ARG C 228 -14.19 12.29 9.93
CA ARG C 228 -14.21 12.31 9.94
C ARG C 228 -12.92 12.12 9.15
N TRP C 229 -12.70 10.92 8.61
CA TRP C 229 -11.54 10.64 7.80
C TRP C 229 -11.54 11.50 6.55
N LEU C 230 -12.71 11.68 5.93
CA LEU C 230 -12.84 12.51 4.72
C LEU C 230 -12.48 13.97 5.00
N GLU C 231 -12.98 14.45 6.13
CA GLU C 231 -12.69 15.78 6.64
C GLU C 231 -11.19 15.98 6.80
N ALA C 232 -10.51 14.99 7.38
CA ALA C 232 -9.09 15.10 7.64
C ALA C 232 -8.19 14.78 6.45
N ASN C 233 -8.74 14.19 5.38
CA ASN C 233 -7.94 13.75 4.22
C ASN C 233 -8.63 14.04 2.88
N PRO C 234 -9.00 15.31 2.64
CA PRO C 234 -9.72 15.58 1.38
C PRO C 234 -8.98 15.19 0.06
N ASP C 235 -7.65 15.21 0.07
CA ASP C 235 -6.86 14.95 -1.15
C ASP C 235 -6.26 13.55 -1.27
N ASP C 236 -6.66 12.63 -0.41
CA ASP C 236 -6.21 11.24 -0.49
C ASP C 236 -6.80 10.53 -1.72
N GLU C 237 -6.05 9.59 -2.28
CA GLU C 237 -6.50 8.82 -3.47
C GLU C 237 -7.86 8.17 -3.26
N LEU C 238 -8.07 7.66 -2.06
CA LEU C 238 -9.30 6.97 -1.73
C LEU C 238 -10.47 7.85 -1.31
N ALA C 239 -10.27 9.17 -1.20
CA ALA C 239 -11.35 10.09 -0.78
C ALA C 239 -12.62 9.99 -1.63
N LYS C 240 -12.45 9.87 -2.94
CA LYS C 240 -13.61 9.74 -3.82
C LYS C 240 -14.40 8.46 -3.55
N GLU C 241 -13.71 7.34 -3.39
CA GLU C 241 -14.35 6.03 -3.15
C GLU C 241 -15.02 6.03 -1.78
N VAL C 242 -14.35 6.61 -0.78
CA VAL C 242 -14.92 6.71 0.56
C VAL C 242 -16.20 7.56 0.57
N ARG C 243 -16.14 8.69 -0.11
CA ARG C 243 -17.28 9.59 -0.27
C ARG C 243 -18.48 8.87 -0.91
N ALA C 244 -18.23 8.14 -1.98
CA ALA C 244 -19.29 7.37 -2.64
C ALA C 244 -19.91 6.30 -1.74
N GLN C 245 -19.06 5.58 -1.02
CA GLN C 245 -19.53 4.58 -0.10
C GLN C 245 -20.33 5.20 1.05
N LEU C 246 -19.86 6.31 1.60
CA LEU C 246 -20.60 6.99 2.65
C LEU C 246 -22.02 7.37 2.21
N THR C 247 -22.14 7.80 0.94
CA THR C 247 -23.43 8.17 0.38
C THR C 247 -24.39 6.99 0.24
N SER C 248 -23.88 5.87 -0.26
CA SER C 248 -24.74 4.74 -0.64
C SER C 248 -24.94 3.68 0.45
N GLU C 249 -23.98 3.57 1.37
CA GLU C 249 -24.00 2.47 2.35
C GLU C 249 -25.22 2.42 3.29
N PRO C 250 -25.68 3.56 3.83
CA PRO C 250 -26.83 3.45 4.74
C PRO C 250 -28.07 2.82 4.10
N GLY C 251 -28.40 3.25 2.89
CA GLY C 251 -29.49 2.67 2.12
C GLY C 251 -29.31 1.19 1.77
N ARG C 252 -28.11 0.84 1.31
CA ARG C 252 -27.82 -0.56 0.95
C ARG C 252 -27.92 -1.44 2.19
N TYR C 253 -27.28 -1.01 3.28
CA TYR C 253 -27.32 -1.73 4.54
C TYR C 253 -28.77 -2.01 5.00
N ALA C 254 -29.57 -0.95 5.07
CA ALA C 254 -30.95 -1.06 5.57
C ALA C 254 -31.84 -1.89 4.66
N SER C 255 -31.64 -1.77 3.34
CA SER C 255 -32.46 -2.48 2.37
C SER C 255 -32.12 -3.93 2.25
N TYR C 256 -30.86 -4.30 2.41
CA TYR C 256 -30.42 -5.67 2.16
C TYR C 256 -29.88 -6.38 3.39
N THR C 257 -28.71 -5.98 3.87
CA THR C 257 -28.05 -6.67 4.96
C THR C 257 -28.94 -6.80 6.20
N ARG C 258 -29.49 -5.68 6.65
CA ARG C 258 -30.17 -5.64 7.95
C ARG C 258 -31.34 -6.62 8.03
N GLU C 259 -32.06 -6.75 6.93
CA GLU C 259 -33.18 -7.68 6.85
C GLU C 259 -32.82 -9.15 6.54
N TYR C 260 -31.78 -9.38 5.73
CA TYR C 260 -31.54 -10.72 5.17
C TYR C 260 -30.37 -11.49 5.76
N LEU C 261 -29.36 -10.78 6.22
CA LEU C 261 -28.12 -11.41 6.65
C LEU C 261 -27.99 -11.54 8.15
N GLY C 262 -27.88 -12.77 8.61
CA GLY C 262 -27.56 -13.08 10.01
C GLY C 262 -26.06 -13.28 10.20
N TRP C 263 -25.65 -13.37 11.46
CA TRP C 263 -24.26 -13.67 11.79
C TRP C 263 -24.20 -14.28 13.19
N GLY C 264 -23.30 -15.23 13.40
CA GLY C 264 -23.14 -15.82 14.72
C GLY C 264 -21.79 -16.46 14.99
N VAL C 265 -21.55 -16.71 16.27
CA VAL C 265 -20.39 -17.43 16.74
C VAL C 265 -20.90 -18.75 17.32
N PHE C 266 -20.28 -19.81 16.86
CA PHE C 266 -20.72 -21.18 17.13
C PHE C 266 -19.58 -21.91 17.83
N ALA C 267 -19.89 -22.48 19.00
CA ALA C 267 -18.92 -23.24 19.77
C ALA C 267 -19.08 -24.74 19.47
N LEU C 268 -17.97 -25.36 19.06
CA LEU C 268 -17.96 -26.72 18.50
C LEU C 268 -16.98 -27.61 19.28
N PRO C 270 -15.38 -31.68 18.87
CA PRO C 270 -15.44 -32.87 18.02
C PRO C 270 -16.15 -34.01 18.74
N ARG C 271 -16.99 -34.72 18.00
CA ARG C 271 -17.75 -35.84 18.54
C ARG C 271 -16.86 -37.04 18.72
#